data_7WHF
#
_entry.id   7WHF
#
_cell.length_a   76.261
_cell.length_b   100.353
_cell.length_c   171.804
_cell.angle_alpha   90.000
_cell.angle_beta   90.000
_cell.angle_gamma   90.000
#
_symmetry.space_group_name_H-M   'P 21 21 21'
#
loop_
_entity.id
_entity.type
_entity.pdbx_description
1 polymer 'Actin, alpha skeletal muscle'
2 polymer 'Heimdallarchaeota Gelsolin domain-containing protein 2DGel'
3 non-polymer "ADENOSINE-5'-TRIPHOSPHATE"
4 non-polymer 'CALCIUM ION'
5 non-polymer GLYCEROL
6 water water
#
loop_
_entity_poly.entity_id
_entity_poly.type
_entity_poly.pdbx_seq_one_letter_code
_entity_poly.pdbx_strand_id
1 'polypeptide(L)'
;MCDEDETTALVCDNGSGLVKAGFAGDDAPRAVFPSIVGRPRHQGVMVGMGQKDSYVGDEAQSKRGILTLKYPIE(HIC)G
IITNWDDMEKIWHHTFYNELRVAPEEHPTLLTEAPLNPKANREKMTQIMFETFNVPAMYVAIQAVLSLYASGRTTGIVLD
SGDGVTHNVPIYEGYALPHAIMRLDLAGRDLTDYLMKILTERGYSFVTTAEREIVRDIKEKLCYVALDFENEMATAASSS
SLEKSYELPDGQVITIGNERFRCPETLFQPSFIGMESAGIHETTYNSIMKCDIDIRKDLYANNVMSGGTTMYPGIADRMQ
KEITALAPSTMKIKIIAPPERKYSVWIGGSILASLSTFQQMWITKQEYDEAGPSIVHRKCF
;
A,B
2 'polypeptide(L)'
;MVKVLHVQGKKLKEVQSPYNFLNGDVYVIDDSKKPDGSDKDPVDSPKVYIWLGSKAYADDRGVGAWAAKMLDKENQAIDI
DTEVEGKESAEFKTIVDFSVVEGDTPGFLKHVEVNFQDVDYEMYRVYDTDLSDGSSSDDIEIDPVPLSKNSLKSEDVFVI
DGWNDIYVWIGSKSQVGEKAAGNRLARKLDTERKRTPMVYTVNEGLEPNGFFEFLEKLEQEDPKKQMKDDRTDPGTHEIT
QAADDNLGKEQMLGSLAKGKKIVTKEAEKDKLKKKGFFGRLFGR
;
G,C
#
loop_
_chem_comp.id
_chem_comp.type
_chem_comp.name
_chem_comp.formula
ATP non-polymer ADENOSINE-5'-TRIPHOSPHATE 'C10 H16 N5 O13 P3'
CA non-polymer 'CALCIUM ION' 'Ca 2'
GOL non-polymer GLYCEROL 'C3 H8 O3'
#
# COMPACT_ATOMS: atom_id res chain seq x y z
N THR A 7 37.51 43.86 1.29
CA THR A 7 36.19 44.41 1.08
C THR A 7 35.54 43.92 -0.23
N THR A 8 34.20 43.82 -0.33
CA THR A 8 33.66 43.03 -1.41
C THR A 8 33.25 44.02 -2.53
N ALA A 9 33.66 43.71 -3.76
CA ALA A 9 33.20 44.53 -4.86
C ALA A 9 31.69 44.32 -5.14
N LEU A 10 31.07 45.36 -5.68
CA LEU A 10 29.69 45.34 -6.20
C LEU A 10 29.67 45.12 -7.71
N VAL A 11 28.63 44.43 -8.19
CA VAL A 11 28.44 44.23 -9.62
C VAL A 11 27.03 44.75 -9.97
N CYS A 12 26.95 45.68 -10.89
CA CYS A 12 25.67 46.26 -11.28
C CYS A 12 25.58 46.13 -12.79
N ASP A 13 24.67 45.32 -13.25
CA ASP A 13 24.44 45.08 -14.68
C ASP A 13 23.13 45.78 -15.07
N ASN A 14 23.27 46.95 -15.69
CA ASN A 14 22.15 47.84 -15.99
C ASN A 14 21.54 47.49 -17.33
N GLY A 15 20.31 46.97 -17.33
CA GLY A 15 19.61 46.63 -18.55
C GLY A 15 18.52 47.61 -18.95
N SER A 16 18.03 47.47 -20.19
CA SER A 16 16.94 48.31 -20.68
C SER A 16 15.71 48.12 -19.85
N GLY A 17 15.48 46.89 -19.42
CA GLY A 17 14.28 46.51 -18.71
C GLY A 17 14.57 46.26 -17.24
N LEU A 18 15.70 45.63 -16.90
CA LEU A 18 15.92 45.27 -15.49
C LEU A 18 17.32 45.61 -15.04
N VAL A 19 17.42 46.10 -13.80
CA VAL A 19 18.69 46.21 -13.10
C VAL A 19 19.00 44.88 -12.43
N LYS A 20 20.21 44.36 -12.62
CA LYS A 20 20.68 43.18 -11.89
C LYS A 20 21.87 43.63 -11.08
N ALA A 21 21.78 43.51 -9.74
CA ALA A 21 22.83 44.03 -8.88
C ALA A 21 23.09 43.10 -7.71
N GLY A 22 24.31 43.15 -7.18
CA GLY A 22 24.69 42.28 -6.07
C GLY A 22 26.17 42.42 -5.77
N PHE A 23 26.72 41.39 -5.12
CA PHE A 23 28.09 41.43 -4.62
C PHE A 23 28.96 40.46 -5.40
N ALA A 24 30.13 40.91 -5.84
CA ALA A 24 31.08 39.97 -6.40
C ALA A 24 31.23 38.79 -5.43
N GLY A 25 31.23 37.56 -5.97
CA GLY A 25 31.33 36.36 -5.16
C GLY A 25 30.03 35.64 -4.89
N ASP A 26 28.88 36.27 -5.11
CA ASP A 26 27.57 35.59 -5.07
C ASP A 26 27.28 34.94 -6.41
N ASP A 27 26.52 33.85 -6.39
CA ASP A 27 26.23 33.14 -7.63
C ASP A 27 25.01 33.71 -8.36
N ALA A 28 24.37 34.75 -7.82
CA ALA A 28 23.24 35.38 -8.49
C ALA A 28 23.07 36.81 -7.96
N PRO A 29 22.49 37.73 -8.74
CA PRO A 29 22.29 39.09 -8.21
C PRO A 29 21.24 39.09 -7.12
N ARG A 30 21.50 39.82 -6.04
CA ARG A 30 20.55 39.90 -4.95
C ARG A 30 19.43 40.91 -5.19
N ALA A 31 19.62 41.87 -6.10
CA ALA A 31 18.60 42.85 -6.44
C ALA A 31 18.30 42.74 -7.93
N VAL A 32 17.04 42.47 -8.27
CA VAL A 32 16.58 42.50 -9.66
C VAL A 32 15.28 43.29 -9.66
N PHE A 33 15.26 44.41 -10.37
CA PHE A 33 14.09 45.26 -10.31
C PHE A 33 14.00 46.05 -11.60
N PRO A 34 12.81 46.59 -11.94
CA PRO A 34 12.66 47.27 -13.24
C PRO A 34 13.47 48.56 -13.34
N SER A 35 14.05 48.76 -14.53
CA SER A 35 14.89 49.92 -14.80
C SER A 35 14.01 51.14 -15.15
N ILE A 36 13.24 51.57 -14.15
CA ILE A 36 12.18 52.55 -14.31
C ILE A 36 12.35 53.65 -13.27
N VAL A 37 12.08 54.88 -13.66
CA VAL A 37 12.07 56.00 -12.73
C VAL A 37 10.79 56.81 -12.95
N GLY A 38 10.09 57.16 -11.87
CA GLY A 38 8.90 57.99 -12.01
C GLY A 38 8.99 59.35 -11.32
N ARG A 39 8.85 60.45 -12.07
CA ARG A 39 9.01 61.78 -11.49
C ARG A 39 7.76 62.64 -11.59
N ASP A 53 10.33 62.91 -4.96
CA ASP A 53 10.29 63.20 -6.41
C ASP A 53 10.78 62.01 -7.23
N SER A 54 11.18 60.93 -6.58
CA SER A 54 11.80 59.80 -7.25
C SER A 54 11.12 58.54 -6.75
N TYR A 55 10.56 57.78 -7.67
CA TYR A 55 10.16 56.41 -7.39
C TYR A 55 10.87 55.56 -8.43
N VAL A 56 11.56 54.54 -7.95
CA VAL A 56 12.40 53.69 -8.77
C VAL A 56 11.93 52.26 -8.64
N GLY A 57 11.88 51.54 -9.77
CA GLY A 57 11.51 50.14 -9.75
C GLY A 57 10.04 49.85 -9.55
N ASP A 58 9.72 48.82 -8.75
CA ASP A 58 8.32 48.44 -8.56
C ASP A 58 7.54 49.56 -7.90
N GLU A 59 8.21 50.42 -7.14
CA GLU A 59 7.57 51.55 -6.51
C GLU A 59 7.07 52.57 -7.54
N ALA A 60 7.74 52.71 -8.68
CA ALA A 60 7.29 53.63 -9.70
C ALA A 60 6.25 53.01 -10.61
N GLN A 61 6.36 51.70 -10.88
CA GLN A 61 5.45 50.98 -11.75
C GLN A 61 4.11 50.69 -11.07
N SER A 62 3.94 51.08 -9.82
CA SER A 62 2.63 51.07 -9.19
C SER A 62 2.09 52.47 -8.92
N LYS A 63 2.99 53.47 -8.82
CA LYS A 63 2.60 54.87 -8.65
C LYS A 63 2.80 55.66 -9.95
N LEU A 67 2.51 59.25 -11.72
CA LEU A 67 3.73 59.86 -12.24
C LEU A 67 3.92 59.60 -13.73
N THR A 68 4.90 60.28 -14.34
CA THR A 68 5.40 59.87 -15.65
C THR A 68 6.61 58.95 -15.45
N LEU A 69 6.52 57.74 -16.02
CA LEU A 69 7.60 56.76 -15.95
C LEU A 69 8.51 56.86 -17.18
N LYS A 70 9.80 56.97 -16.93
CA LYS A 70 10.77 57.01 -18.01
C LYS A 70 11.73 55.84 -17.87
N TYR A 71 12.19 55.36 -19.02
CA TYR A 71 13.20 54.32 -19.07
C TYR A 71 14.53 55.01 -19.28
N PRO A 72 15.41 55.05 -18.27
CA PRO A 72 16.68 55.75 -18.47
C PRO A 72 17.56 55.07 -19.50
N ILE A 73 17.42 53.76 -19.70
CA ILE A 73 18.24 53.01 -20.64
C ILE A 73 17.34 52.60 -21.80
N GLU A 74 17.76 52.97 -22.99
CA GLU A 74 17.00 52.65 -24.16
C GLU A 74 17.84 51.85 -25.11
N HIC A 75 17.37 50.65 -25.42
CA HIC A 75 18.08 49.79 -26.31
C HIC A 75 19.51 49.56 -25.81
O HIC A 75 20.48 49.44 -26.55
CB HIC A 75 18.18 50.32 -27.74
CG HIC A 75 16.84 50.62 -28.24
ND1 HIC A 75 16.42 51.91 -28.60
CD2 HIC A 75 15.77 49.70 -28.42
CE1 HIC A 75 15.15 51.80 -29.00
NE2 HIC A 75 14.69 50.47 -28.90
CZ HIC A 75 13.38 50.01 -29.25
N GLY A 76 19.62 49.54 -24.49
CA GLY A 76 20.86 49.19 -23.86
C GLY A 76 21.82 50.33 -23.55
N ILE A 77 21.58 51.49 -24.14
CA ILE A 77 22.42 52.66 -23.94
C ILE A 77 21.71 53.65 -23.01
N ILE A 78 22.45 54.17 -22.04
CA ILE A 78 21.95 55.18 -21.09
C ILE A 78 21.68 56.48 -21.85
N THR A 79 20.44 56.97 -21.78
CA THR A 79 20.07 58.23 -22.43
C THR A 79 19.54 59.29 -21.49
N ASN A 80 19.29 58.98 -20.23
CA ASN A 80 18.80 59.97 -19.27
C ASN A 80 19.67 59.94 -18.03
N TRP A 81 20.57 60.91 -17.89
CA TRP A 81 21.56 60.79 -16.84
C TRP A 81 21.02 61.20 -15.48
N ASP A 82 20.06 62.12 -15.42
CA ASP A 82 19.44 62.39 -14.13
C ASP A 82 18.73 61.15 -13.60
N ASP A 83 18.01 60.43 -14.48
CA ASP A 83 17.26 59.28 -14.02
C ASP A 83 18.17 58.13 -13.70
N MET A 84 19.28 58.00 -14.45
CA MET A 84 20.20 56.90 -14.20
C MET A 84 20.89 57.05 -12.86
N GLU A 85 21.25 58.28 -12.51
CA GLU A 85 21.85 58.56 -11.20
C GLU A 85 20.96 58.07 -10.10
N LYS A 86 19.68 58.30 -10.26
CA LYS A 86 18.69 57.90 -9.30
C LYS A 86 18.52 56.38 -9.20
N ILE A 87 18.65 55.69 -10.35
CA ILE A 87 18.64 54.22 -10.34
C ILE A 87 19.80 53.73 -9.51
N TRP A 88 20.99 54.29 -9.79
CA TRP A 88 22.16 53.85 -9.06
C TRP A 88 22.02 54.17 -7.59
N HIS A 89 21.47 55.35 -7.29
CA HIS A 89 21.21 55.68 -5.90
C HIS A 89 20.30 54.65 -5.25
N HIS A 90 19.20 54.33 -5.92
CA HIS A 90 18.27 53.35 -5.38
C HIS A 90 18.94 52.00 -5.21
N THR A 91 19.81 51.63 -6.16
CA THR A 91 20.48 50.34 -6.08
C THR A 91 21.33 50.27 -4.83
N PHE A 92 22.13 51.32 -4.60
CA PHE A 92 23.10 51.32 -3.51
C PHE A 92 22.42 51.37 -2.15
N TYR A 93 21.51 52.31 -1.95
CA TYR A 93 21.03 52.61 -0.62
C TYR A 93 19.77 51.82 -0.28
N ASN A 94 18.88 51.60 -1.25
CA ASN A 94 17.63 50.94 -0.90
C ASN A 94 17.68 49.43 -1.11
N GLU A 95 18.25 48.97 -2.22
CA GLU A 95 18.21 47.54 -2.49
C GLU A 95 19.38 46.83 -1.80
N LEU A 96 20.61 47.17 -2.15
CA LEU A 96 21.76 46.52 -1.55
C LEU A 96 22.07 47.03 -0.14
N ARG A 97 21.54 48.19 0.25
CA ARG A 97 21.81 48.82 1.54
C ARG A 97 23.31 48.86 1.86
N VAL A 98 24.08 49.55 1.01
CA VAL A 98 25.53 49.61 1.15
C VAL A 98 25.95 51.06 1.05
N ALA A 99 27.13 51.36 1.60
CA ALA A 99 27.73 52.67 1.44
C ALA A 99 28.66 52.62 0.24
N PRO A 100 28.32 53.27 -0.88
CA PRO A 100 29.11 53.07 -2.10
C PRO A 100 30.56 53.51 -1.99
N GLU A 101 30.89 54.42 -1.06
CA GLU A 101 32.30 54.81 -0.87
C GLU A 101 33.15 53.67 -0.34
N GLU A 102 32.54 52.60 0.12
CA GLU A 102 33.30 51.49 0.68
C GLU A 102 33.41 50.32 -0.27
N HIS A 103 33.01 50.47 -1.54
CA HIS A 103 32.96 49.30 -2.41
C HIS A 103 33.44 49.64 -3.83
N PRO A 104 34.44 48.93 -4.32
CA PRO A 104 34.74 49.00 -5.75
C PRO A 104 33.54 48.48 -6.54
N THR A 105 33.25 49.11 -7.67
CA THR A 105 32.01 48.84 -8.39
C THR A 105 32.30 48.48 -9.84
N LEU A 106 31.92 47.28 -10.23
CA LEU A 106 31.97 46.90 -11.64
C LEU A 106 30.63 47.26 -12.28
N LEU A 107 30.67 48.00 -13.39
CA LEU A 107 29.49 48.33 -14.17
C LEU A 107 29.58 47.64 -15.52
N THR A 108 28.44 47.42 -16.16
CA THR A 108 28.43 46.87 -17.50
C THR A 108 27.92 47.89 -18.50
N GLU A 109 28.24 47.67 -19.76
CA GLU A 109 27.77 48.55 -20.81
C GLU A 109 27.42 47.73 -22.04
N ALA A 110 26.58 48.34 -22.88
CA ALA A 110 26.18 47.70 -24.13
C ALA A 110 27.33 47.71 -25.14
N PRO A 111 27.29 46.82 -26.11
CA PRO A 111 28.17 46.98 -27.27
C PRO A 111 27.93 48.33 -27.92
N LEU A 112 28.97 48.88 -28.56
CA LEU A 112 28.84 50.17 -29.26
C LEU A 112 28.40 51.31 -28.35
N ASN A 113 28.77 51.25 -27.07
CA ASN A 113 28.48 52.37 -26.18
C ASN A 113 29.31 53.58 -26.58
N PRO A 114 28.71 54.74 -26.84
CA PRO A 114 29.51 55.92 -27.23
C PRO A 114 30.54 56.31 -26.17
N LYS A 115 31.66 56.88 -26.64
CA LYS A 115 32.77 57.24 -25.75
C LYS A 115 32.32 58.20 -24.66
N ALA A 116 31.53 59.22 -25.03
CA ALA A 116 31.04 60.18 -24.05
C ALA A 116 30.19 59.51 -22.97
N ASN A 117 29.41 58.46 -23.32
CA ASN A 117 28.62 57.72 -22.34
C ASN A 117 29.50 57.04 -21.28
N ARG A 118 30.57 56.35 -21.69
CA ARG A 118 31.43 55.70 -20.71
C ARG A 118 32.08 56.73 -19.80
N GLU A 119 32.42 57.89 -20.35
CA GLU A 119 33.03 58.95 -19.56
C GLU A 119 32.07 59.47 -18.50
N LYS A 120 30.82 59.75 -18.89
CA LYS A 120 29.81 60.22 -17.95
C LYS A 120 29.57 59.16 -16.86
N MET A 121 29.52 57.89 -17.26
CA MET A 121 29.37 56.82 -16.29
C MET A 121 30.51 56.85 -15.27
N THR A 122 31.74 57.07 -15.75
CA THR A 122 32.90 57.11 -14.88
C THR A 122 32.87 58.34 -13.99
N GLN A 123 32.48 59.48 -14.55
CA GLN A 123 32.42 60.69 -13.76
C GLN A 123 31.36 60.58 -12.66
N ILE A 124 30.20 60.01 -12.96
CA ILE A 124 29.16 59.92 -11.96
C ILE A 124 29.58 58.99 -10.83
N MET A 125 30.19 57.85 -11.16
CA MET A 125 30.59 56.90 -10.12
C MET A 125 31.57 57.53 -9.14
N PHE A 126 32.52 58.30 -9.66
CA PHE A 126 33.54 58.88 -8.79
C PHE A 126 33.05 60.17 -8.13
N GLU A 127 32.46 61.09 -8.89
CA GLU A 127 32.15 62.40 -8.31
C GLU A 127 30.86 62.40 -7.49
N THR A 128 29.85 61.62 -7.89
CA THR A 128 28.60 61.59 -7.15
C THR A 128 28.59 60.55 -6.05
N PHE A 129 29.01 59.33 -6.36
CA PHE A 129 28.92 58.24 -5.40
C PHE A 129 30.25 57.93 -4.72
N ASN A 130 31.35 58.50 -5.19
CA ASN A 130 32.63 58.45 -4.47
C ASN A 130 33.14 57.01 -4.29
N VAL A 131 32.96 56.17 -5.30
CA VAL A 131 33.41 54.78 -5.15
C VAL A 131 34.94 54.76 -5.11
N PRO A 132 35.55 53.81 -4.39
CA PRO A 132 37.02 53.78 -4.34
C PRO A 132 37.64 53.36 -5.65
N ALA A 133 36.95 52.56 -6.43
CA ALA A 133 37.47 52.08 -7.70
C ALA A 133 36.30 51.58 -8.53
N MET A 134 36.51 51.50 -9.84
CA MET A 134 35.42 51.13 -10.75
C MET A 134 36.01 50.58 -12.04
N TYR A 135 35.16 49.88 -12.78
CA TYR A 135 35.51 49.30 -14.06
C TYR A 135 34.21 49.18 -14.83
N VAL A 136 34.32 49.28 -16.15
CA VAL A 136 33.19 49.13 -17.08
C VAL A 136 33.54 47.99 -18.03
N ALA A 137 32.73 46.94 -18.04
CA ALA A 137 32.92 45.82 -18.93
C ALA A 137 31.77 45.72 -19.93
N ILE A 138 32.09 45.22 -21.12
CA ILE A 138 31.05 44.93 -22.12
C ILE A 138 30.29 43.68 -21.70
N GLN A 139 28.95 43.76 -21.75
CA GLN A 139 28.08 42.69 -21.24
C GLN A 139 28.39 41.34 -21.90
N ALA A 140 28.49 41.33 -23.23
CA ALA A 140 28.67 40.08 -23.97
C ALA A 140 29.97 39.43 -23.58
N VAL A 141 31.00 40.25 -23.33
CA VAL A 141 32.29 39.70 -22.94
C VAL A 141 32.18 39.01 -21.60
N LEU A 142 31.42 39.58 -20.65
CA LEU A 142 31.25 38.90 -19.37
C LEU A 142 30.57 37.55 -19.56
N SER A 143 29.57 37.45 -20.49
CA SER A 143 28.90 36.19 -20.75
C SER A 143 29.84 35.17 -21.35
N LEU A 144 30.69 35.59 -22.29
CA LEU A 144 31.59 34.65 -22.94
C LEU A 144 32.58 34.05 -21.93
N TYR A 145 33.14 34.89 -21.05
CA TYR A 145 34.01 34.35 -19.99
C TYR A 145 33.26 33.35 -19.11
N ALA A 146 32.00 33.66 -18.78
CA ALA A 146 31.25 32.73 -17.94
C ALA A 146 31.03 31.40 -18.65
N SER A 147 31.10 31.39 -19.97
CA SER A 147 30.98 30.12 -20.67
C SER A 147 32.31 29.41 -20.80
N GLY A 148 33.40 30.00 -20.33
CA GLY A 148 34.69 29.33 -20.41
C GLY A 148 35.44 29.59 -21.70
N ARG A 149 35.14 30.71 -22.40
CA ARG A 149 35.74 31.04 -23.69
C ARG A 149 36.29 32.48 -23.69
N THR A 150 37.32 32.67 -24.53
CA THR A 150 37.79 33.99 -24.86
C THR A 150 37.56 34.32 -26.32
N THR A 151 37.09 33.36 -27.13
CA THR A 151 36.74 33.66 -28.52
C THR A 151 35.39 33.04 -28.81
N GLY A 152 34.54 33.74 -29.56
CA GLY A 152 33.19 33.25 -29.77
C GLY A 152 32.30 34.40 -30.16
N ILE A 153 31.05 34.08 -30.48
CA ILE A 153 30.14 35.14 -30.83
C ILE A 153 28.94 34.99 -29.93
N VAL A 154 28.59 36.08 -29.22
CA VAL A 154 27.47 36.04 -28.26
C VAL A 154 26.23 36.55 -28.98
N LEU A 155 25.11 35.86 -28.79
CA LEU A 155 23.78 36.42 -29.07
C LEU A 155 23.22 36.87 -27.72
N ASP A 156 23.05 38.18 -27.53
CA ASP A 156 22.56 38.74 -26.26
C ASP A 156 21.20 39.39 -26.52
N SER A 157 20.13 38.86 -25.93
CA SER A 157 18.79 39.31 -26.22
C SER A 157 18.08 39.54 -24.89
N GLY A 158 17.74 40.78 -24.58
CA GLY A 158 17.14 41.05 -23.28
C GLY A 158 15.74 41.59 -23.41
N ASP A 159 15.51 42.75 -22.80
CA ASP A 159 14.19 43.34 -22.85
C ASP A 159 14.05 44.38 -23.95
N GLY A 160 15.13 45.09 -24.30
CA GLY A 160 15.01 46.22 -25.21
C GLY A 160 15.78 46.08 -26.50
N VAL A 161 16.81 45.23 -26.51
CA VAL A 161 17.70 45.18 -27.66
C VAL A 161 18.26 43.77 -27.77
N THR A 162 18.61 43.37 -28.99
CA THR A 162 19.33 42.13 -29.24
C THR A 162 20.62 42.49 -29.95
N HIS A 163 21.74 41.91 -29.53
CA HIS A 163 23.02 42.13 -30.22
C HIS A 163 23.67 40.80 -30.60
N ASN A 164 24.39 40.81 -31.72
CA ASN A 164 25.40 39.79 -32.02
C ASN A 164 26.76 40.42 -31.78
N VAL A 165 27.54 39.81 -30.89
CA VAL A 165 28.83 40.40 -30.54
C VAL A 165 29.94 39.37 -30.75
N PRO A 166 30.69 39.43 -31.85
CA PRO A 166 31.84 38.55 -32.03
C PRO A 166 32.99 39.03 -31.19
N ILE A 167 33.69 38.09 -30.56
CA ILE A 167 34.75 38.41 -29.62
C ILE A 167 35.97 37.55 -29.92
N TYR A 168 37.16 38.16 -30.00
CA TYR A 168 38.41 37.44 -30.28
C TYR A 168 39.40 37.66 -29.14
N GLU A 169 39.75 36.58 -28.42
CA GLU A 169 40.66 36.63 -27.28
C GLU A 169 40.32 37.77 -26.33
N GLY A 170 39.04 37.85 -25.95
CA GLY A 170 38.62 38.79 -24.92
C GLY A 170 38.21 40.19 -25.34
N TYR A 171 38.25 40.52 -26.65
CA TYR A 171 37.93 41.87 -27.11
C TYR A 171 36.82 41.82 -28.16
N ALA A 172 35.75 42.59 -27.94
CA ALA A 172 34.65 42.59 -28.90
C ALA A 172 35.14 43.24 -30.20
N LEU A 173 34.65 42.75 -31.35
CA LEU A 173 35.13 43.32 -32.61
C LEU A 173 34.10 44.35 -33.07
N PRO A 174 34.30 45.62 -32.79
CA PRO A 174 33.18 46.57 -32.97
C PRO A 174 32.69 46.71 -34.41
N HIS A 175 33.55 46.52 -35.42
CA HIS A 175 33.11 46.65 -36.81
C HIS A 175 32.14 45.53 -37.19
N ALA A 176 32.09 44.45 -36.42
CA ALA A 176 31.29 43.30 -36.76
C ALA A 176 30.08 43.12 -35.85
N ILE A 177 29.84 44.04 -34.91
CA ILE A 177 28.69 43.94 -34.06
C ILE A 177 27.43 44.23 -34.85
N MET A 178 26.40 43.45 -34.64
CA MET A 178 25.08 43.68 -35.22
C MET A 178 24.08 43.94 -34.10
N ARG A 179 23.11 44.80 -34.39
CA ARG A 179 22.09 45.20 -33.43
C ARG A 179 20.69 45.10 -34.03
N LEU A 180 19.78 44.53 -33.27
CA LEU A 180 18.38 44.38 -33.65
C LEU A 180 17.55 45.03 -32.54
N ASP A 181 16.80 46.07 -32.87
CA ASP A 181 16.01 46.78 -31.86
C ASP A 181 14.71 46.06 -31.56
N LEU A 182 14.79 44.79 -31.24
CA LEU A 182 13.64 43.94 -31.02
C LEU A 182 14.07 42.98 -29.93
N ALA A 183 13.33 42.96 -28.81
CA ALA A 183 13.64 41.98 -27.78
C ALA A 183 12.39 41.67 -26.98
N GLY A 184 12.56 41.32 -25.70
CA GLY A 184 11.46 40.76 -24.92
C GLY A 184 10.25 41.66 -24.76
N ARG A 185 10.45 42.97 -24.53
CA ARG A 185 9.28 43.83 -24.43
C ARG A 185 8.44 43.80 -25.70
N ASP A 186 9.08 43.74 -26.87
CA ASP A 186 8.27 43.68 -28.09
C ASP A 186 7.55 42.35 -28.22
N LEU A 187 8.15 41.26 -27.75
CA LEU A 187 7.44 40.00 -27.82
C LEU A 187 6.23 40.03 -26.86
N THR A 188 6.41 40.62 -25.68
CA THR A 188 5.31 40.80 -24.75
C THR A 188 4.19 41.63 -25.37
N ASP A 189 4.54 42.74 -26.03
CA ASP A 189 3.53 43.58 -26.67
C ASP A 189 2.77 42.83 -27.76
N TYR A 190 3.49 41.99 -28.53
CA TYR A 190 2.87 41.23 -29.60
C TYR A 190 1.91 40.18 -29.01
N LEU A 191 2.34 39.46 -27.98
CA LEU A 191 1.44 38.50 -27.35
C LEU A 191 0.23 39.22 -26.77
N MET A 192 0.43 40.40 -26.19
CA MET A 192 -0.72 41.17 -25.72
C MET A 192 -1.64 41.56 -26.88
N LYS A 193 -1.08 41.94 -28.03
CA LYS A 193 -1.94 42.31 -29.13
C LYS A 193 -2.81 41.13 -29.58
N ILE A 194 -2.20 39.96 -29.78
CA ILE A 194 -2.95 38.86 -30.35
C ILE A 194 -3.91 38.29 -29.31
N LEU A 195 -3.55 38.28 -28.01
CA LEU A 195 -4.53 37.82 -27.03
C LEU A 195 -5.71 38.78 -26.93
N THR A 196 -5.45 40.08 -27.06
CA THR A 196 -6.53 41.06 -27.05
C THR A 196 -7.46 40.86 -28.25
N GLU A 197 -6.92 40.50 -29.41
CA GLU A 197 -7.79 40.29 -30.57
C GLU A 197 -8.68 39.06 -30.37
N ARG A 198 -8.20 38.06 -29.63
CA ARG A 198 -9.02 36.91 -29.33
C ARG A 198 -10.12 37.22 -28.31
N GLY A 199 -10.17 38.41 -27.74
CA GLY A 199 -11.22 38.78 -26.82
C GLY A 199 -10.84 38.86 -25.34
N TYR A 200 -9.55 38.90 -25.02
CA TYR A 200 -9.06 39.16 -23.67
C TYR A 200 -8.62 40.62 -23.60
N SER A 201 -8.54 41.15 -22.39
CA SER A 201 -8.16 42.55 -22.23
C SER A 201 -7.12 42.69 -21.13
N PHE A 202 -6.06 43.43 -21.43
CA PHE A 202 -4.97 43.65 -20.48
C PHE A 202 -4.68 45.15 -20.37
N VAL A 203 -5.12 45.74 -19.25
CA VAL A 203 -4.93 47.16 -18.94
C VAL A 203 -4.23 47.37 -17.60
N THR A 204 -4.61 46.61 -16.57
CA THR A 204 -4.10 46.80 -15.22
C THR A 204 -2.58 46.50 -15.16
N THR A 205 -1.94 46.99 -14.09
CA THR A 205 -0.56 46.60 -13.82
C THR A 205 -0.46 45.09 -13.88
N ALA A 206 -1.33 44.41 -13.14
CA ALA A 206 -1.41 42.95 -13.14
C ALA A 206 -1.44 42.43 -14.57
N GLU A 207 -2.31 43.00 -15.40
CA GLU A 207 -2.66 42.38 -16.67
C GLU A 207 -1.51 42.43 -17.66
N ARG A 208 -0.82 43.56 -17.74
CA ARG A 208 0.36 43.62 -18.58
C ARG A 208 1.45 42.66 -18.05
N GLU A 209 1.55 42.55 -16.70
CA GLU A 209 2.46 41.54 -16.15
C GLU A 209 1.92 40.12 -16.30
N ILE A 210 0.62 39.91 -16.42
CA ILE A 210 0.14 38.56 -16.70
C ILE A 210 0.59 38.09 -18.08
N VAL A 211 0.49 38.94 -19.11
CA VAL A 211 0.89 38.51 -20.44
C VAL A 211 2.37 38.13 -20.46
N ARG A 212 3.22 38.92 -19.80
CA ARG A 212 4.63 38.58 -19.71
C ARG A 212 4.82 37.22 -19.03
N ASP A 213 4.02 36.94 -18.01
CA ASP A 213 4.14 35.65 -17.33
C ASP A 213 3.69 34.51 -18.25
N ILE A 214 2.62 34.71 -19.03
CA ILE A 214 2.22 33.73 -20.05
C ILE A 214 3.34 33.49 -21.04
N LYS A 215 3.97 34.57 -21.50
CA LYS A 215 5.05 34.45 -22.48
C LYS A 215 6.18 33.59 -21.92
N GLU A 216 6.58 33.89 -20.70
CA GLU A 216 7.72 33.23 -20.11
C GLU A 216 7.43 31.79 -19.75
N LYS A 217 6.17 31.45 -19.41
CA LYS A 217 5.85 30.09 -19.03
C LYS A 217 5.46 29.21 -20.23
N LEU A 218 4.81 29.74 -21.28
CA LEU A 218 4.12 28.90 -22.25
C LEU A 218 4.67 29.02 -23.66
N CYS A 219 5.43 30.07 -23.97
CA CYS A 219 5.88 30.29 -25.34
C CYS A 219 7.12 29.45 -25.61
N TYR A 220 7.34 29.11 -26.89
CA TYR A 220 8.53 28.34 -27.26
C TYR A 220 8.82 28.60 -28.72
N VAL A 221 10.03 28.24 -29.17
CA VAL A 221 10.43 28.48 -30.56
C VAL A 221 10.24 27.20 -31.37
N ALA A 222 9.43 27.26 -32.42
CA ALA A 222 9.24 26.07 -33.25
C ALA A 222 10.51 25.72 -34.05
N LEU A 223 10.81 24.42 -34.15
CA LEU A 223 11.92 24.02 -35.00
C LEU A 223 11.62 24.28 -36.47
N ASP A 224 10.41 23.98 -36.90
CA ASP A 224 9.94 24.31 -38.25
C ASP A 224 8.60 25.00 -38.10
N PHE A 225 8.54 26.29 -38.45
CA PHE A 225 7.37 27.11 -38.16
C PHE A 225 6.14 26.64 -38.93
N GLU A 226 6.32 26.37 -40.24
CA GLU A 226 5.21 25.93 -41.08
C GLU A 226 4.64 24.61 -40.59
N ASN A 227 5.48 23.65 -40.22
CA ASN A 227 5.00 22.38 -39.68
C ASN A 227 4.26 22.59 -38.36
N GLU A 228 4.75 23.49 -37.53
CA GLU A 228 4.06 23.72 -36.26
C GLU A 228 2.68 24.36 -36.50
N MET A 229 2.59 25.30 -37.45
CA MET A 229 1.30 25.89 -37.76
C MET A 229 0.33 24.84 -38.23
N ALA A 230 0.81 23.87 -39.05
CA ALA A 230 -0.06 22.80 -39.57
C ALA A 230 -0.54 21.91 -38.44
N THR A 231 0.36 21.58 -37.52
CA THR A 231 0.01 20.75 -36.38
C THR A 231 -1.07 21.41 -35.55
N ALA A 232 -0.89 22.71 -35.26
CA ALA A 232 -1.84 23.47 -34.49
C ALA A 232 -3.21 23.60 -35.20
N ALA A 233 -3.23 23.59 -36.54
CA ALA A 233 -4.46 23.71 -37.32
C ALA A 233 -5.25 22.41 -37.34
N SER A 234 -4.59 21.28 -37.06
CA SER A 234 -5.18 19.97 -37.28
C SER A 234 -5.37 19.14 -36.02
N SER A 235 -4.99 19.65 -34.84
CA SER A 235 -5.22 18.96 -33.58
C SER A 235 -5.06 19.96 -32.44
N SER A 236 -5.44 19.54 -31.25
CA SER A 236 -5.26 20.37 -30.07
C SER A 236 -4.03 19.98 -29.27
N SER A 237 -3.07 19.27 -29.86
CA SER A 237 -1.97 18.75 -29.07
C SER A 237 -0.96 19.81 -28.62
N LEU A 238 -0.98 20.99 -29.22
CA LEU A 238 -0.07 22.04 -28.79
C LEU A 238 -0.74 23.07 -27.87
N GLU A 239 -1.96 22.79 -27.41
CA GLU A 239 -2.68 23.77 -26.60
C GLU A 239 -2.31 23.62 -25.13
N LYS A 240 -2.24 24.74 -24.43
CA LYS A 240 -1.81 24.83 -23.05
C LYS A 240 -2.82 25.73 -22.34
N SER A 241 -3.11 25.43 -21.09
CA SER A 241 -3.98 26.30 -20.33
C SER A 241 -3.18 27.06 -19.30
N TYR A 242 -3.74 28.20 -18.89
CA TYR A 242 -3.10 29.06 -17.91
C TYR A 242 -4.19 29.57 -16.98
N GLU A 243 -4.04 29.36 -15.68
CA GLU A 243 -5.05 29.81 -14.73
C GLU A 243 -4.72 31.24 -14.27
N LEU A 244 -5.69 32.15 -14.40
CA LEU A 244 -5.53 33.54 -14.01
C LEU A 244 -5.70 33.67 -12.51
N PRO A 245 -5.31 34.81 -11.94
CA PRO A 245 -5.37 34.92 -10.47
C PRO A 245 -6.76 34.78 -9.90
N ASP A 246 -7.83 35.04 -10.69
CA ASP A 246 -9.21 34.89 -10.23
C ASP A 246 -9.72 33.44 -10.31
N GLY A 247 -9.02 32.55 -11.02
CA GLY A 247 -9.46 31.17 -11.21
C GLY A 247 -9.91 30.86 -12.62
N GLN A 248 -10.07 31.88 -13.46
CA GLN A 248 -10.45 31.71 -14.85
C GLN A 248 -9.26 31.24 -15.67
N VAL A 249 -9.53 30.40 -16.66
CA VAL A 249 -8.50 29.70 -17.38
C VAL A 249 -8.45 30.25 -18.81
N ILE A 250 -7.23 30.41 -19.30
CA ILE A 250 -6.93 30.84 -20.66
C ILE A 250 -6.31 29.66 -21.37
N THR A 251 -6.60 29.53 -22.65
CA THR A 251 -5.96 28.51 -23.47
C THR A 251 -5.28 29.19 -24.65
N ILE A 252 -4.06 28.76 -24.97
CA ILE A 252 -3.43 29.24 -26.19
C ILE A 252 -2.81 28.08 -26.93
N GLY A 253 -2.73 28.23 -28.23
CA GLY A 253 -2.16 27.21 -29.07
C GLY A 253 -1.07 27.79 -29.93
N ASN A 254 -1.37 28.23 -31.17
CA ASN A 254 -0.26 28.66 -32.02
C ASN A 254 0.32 30.00 -31.55
N GLU A 255 -0.39 30.76 -30.72
CA GLU A 255 0.22 31.92 -30.07
C GLU A 255 1.51 31.58 -29.35
N ARG A 256 1.60 30.37 -28.80
CA ARG A 256 2.79 29.97 -28.04
C ARG A 256 4.04 30.09 -28.87
N PHE A 257 3.98 29.72 -30.17
CA PHE A 257 5.20 29.80 -30.96
C PHE A 257 5.19 30.94 -31.97
N ARG A 258 4.03 31.51 -32.29
CA ARG A 258 4.01 32.70 -33.15
C ARG A 258 4.71 33.86 -32.48
N CYS A 259 4.60 33.96 -31.16
CA CYS A 259 5.11 35.16 -30.50
C CYS A 259 6.63 35.21 -30.60
N PRO A 260 7.41 34.22 -30.12
CA PRO A 260 8.90 34.30 -30.33
C PRO A 260 9.35 34.01 -31.77
N GLU A 261 8.46 33.53 -32.64
CA GLU A 261 8.87 33.43 -34.04
C GLU A 261 9.27 34.80 -34.60
N THR A 262 8.73 35.88 -34.01
CA THR A 262 9.08 37.26 -34.38
C THR A 262 10.60 37.50 -34.36
N LEU A 263 11.34 36.81 -33.50
CA LEU A 263 12.81 36.98 -33.47
C LEU A 263 13.44 36.52 -34.77
N PHE A 264 12.85 35.49 -35.43
CA PHE A 264 13.36 35.02 -36.71
C PHE A 264 12.67 35.71 -37.89
N GLN A 265 11.45 36.21 -37.72
CA GLN A 265 10.72 36.97 -38.75
C GLN A 265 10.17 38.26 -38.14
N PRO A 266 10.99 39.30 -38.05
CA PRO A 266 10.53 40.58 -37.47
C PRO A 266 9.41 41.23 -38.25
N SER A 267 9.13 40.73 -39.45
CA SER A 267 7.96 41.26 -40.17
C SER A 267 6.67 40.94 -39.44
N PHE A 268 6.65 39.96 -38.52
CA PHE A 268 5.46 39.71 -37.71
C PHE A 268 4.98 40.95 -36.96
N ILE A 269 5.88 41.85 -36.56
CA ILE A 269 5.48 43.10 -35.92
C ILE A 269 5.77 44.31 -36.83
N GLY A 270 5.85 44.09 -38.14
CA GLY A 270 5.98 45.18 -39.08
C GLY A 270 7.37 45.77 -39.17
N MET A 271 8.40 45.05 -38.72
CA MET A 271 9.79 45.49 -38.86
C MET A 271 10.38 44.84 -40.09
N GLU A 272 10.86 45.66 -40.99
CA GLU A 272 11.59 45.16 -42.14
C GLU A 272 13.03 45.07 -41.67
N SER A 273 13.43 43.94 -41.15
CA SER A 273 14.84 43.77 -40.85
C SER A 273 15.10 42.30 -40.68
N ALA A 274 16.39 41.96 -40.65
CA ALA A 274 16.85 40.59 -40.59
C ALA A 274 16.49 39.97 -39.26
N GLY A 275 16.13 38.69 -39.26
CA GLY A 275 15.97 37.99 -38.00
C GLY A 275 17.31 37.59 -37.34
N ILE A 276 17.25 37.16 -36.08
CA ILE A 276 18.47 36.89 -35.31
C ILE A 276 19.35 35.79 -35.93
N HIS A 277 18.80 34.87 -36.71
CA HIS A 277 19.71 33.93 -37.35
C HIS A 277 20.52 34.59 -38.45
N GLU A 278 19.91 35.54 -39.17
CA GLU A 278 20.63 36.24 -40.23
C GLU A 278 21.59 37.25 -39.66
N THR A 279 21.25 37.90 -38.54
CA THR A 279 22.22 38.82 -37.98
C THR A 279 23.42 38.05 -37.43
N THR A 280 23.21 36.84 -36.88
CA THR A 280 24.35 36.01 -36.46
C THR A 280 25.28 35.73 -37.64
N TYR A 281 24.69 35.22 -38.72
CA TYR A 281 25.46 34.90 -39.90
C TYR A 281 26.15 36.13 -40.45
N ASN A 282 25.41 37.25 -40.58
CA ASN A 282 26.00 38.49 -41.08
C ASN A 282 27.18 38.94 -40.22
N SER A 283 27.02 38.86 -38.89
CA SER A 283 28.09 39.24 -37.97
C SER A 283 29.33 38.37 -38.21
N ILE A 284 29.12 37.06 -38.30
CA ILE A 284 30.25 36.15 -38.52
C ILE A 284 30.95 36.50 -39.83
N MET A 285 30.18 36.88 -40.83
CA MET A 285 30.74 37.19 -42.14
C MET A 285 31.46 38.52 -42.17
N LYS A 286 31.19 39.42 -41.23
CA LYS A 286 31.98 40.64 -41.16
C LYS A 286 33.35 40.42 -40.52
N CYS A 287 33.60 39.24 -39.96
CA CYS A 287 34.84 38.99 -39.25
C CYS A 287 35.87 38.38 -40.17
N ASP A 288 37.13 38.56 -39.79
CA ASP A 288 38.25 37.95 -40.49
C ASP A 288 37.91 36.51 -40.86
N ILE A 289 38.10 36.17 -42.13
CA ILE A 289 37.84 34.80 -42.55
C ILE A 289 38.58 33.76 -41.69
N ASP A 290 39.74 34.14 -41.11
CA ASP A 290 40.57 33.24 -40.32
C ASP A 290 39.92 32.77 -39.03
N ILE A 291 39.04 33.58 -38.42
CA ILE A 291 38.42 33.18 -37.15
C ILE A 291 37.00 32.68 -37.34
N ARG A 292 36.48 32.68 -38.57
CA ARG A 292 35.10 32.32 -38.79
C ARG A 292 34.78 30.91 -38.29
N LYS A 293 35.66 29.93 -38.57
CA LYS A 293 35.41 28.55 -38.13
C LYS A 293 35.29 28.50 -36.60
N ASP A 294 36.11 29.28 -35.89
CA ASP A 294 35.98 29.34 -34.43
C ASP A 294 34.67 29.98 -33.97
N LEU A 295 34.19 31.02 -34.67
CA LEU A 295 32.92 31.63 -34.29
C LEU A 295 31.75 30.66 -34.50
N TYR A 296 31.70 29.98 -35.66
CA TYR A 296 30.61 29.07 -35.95
C TYR A 296 30.48 28.03 -34.86
N ALA A 297 31.59 27.59 -34.30
CA ALA A 297 31.59 26.53 -33.32
C ALA A 297 31.41 27.06 -31.91
N ASN A 298 31.24 28.37 -31.72
CA ASN A 298 31.20 28.95 -30.39
C ASN A 298 30.17 30.07 -30.33
N ASN A 299 28.91 29.79 -30.71
CA ASN A 299 27.79 30.72 -30.53
CA ASN A 299 27.81 30.74 -30.53
C ASN A 299 27.27 30.59 -29.11
N VAL A 300 27.42 31.62 -28.29
CA VAL A 300 26.93 31.58 -26.91
C VAL A 300 25.73 32.49 -26.80
N MET A 301 24.64 31.96 -26.26
CA MET A 301 23.40 32.72 -26.05
C MET A 301 23.36 33.25 -24.63
N SER A 302 22.81 34.46 -24.46
CA SER A 302 22.69 35.05 -23.14
CA SER A 302 22.74 35.11 -23.16
C SER A 302 21.57 36.08 -23.14
N GLY A 303 21.00 36.28 -21.96
CA GLY A 303 19.92 37.25 -21.87
C GLY A 303 18.56 36.54 -21.77
N GLY A 304 17.61 37.22 -21.14
CA GLY A 304 16.37 36.55 -20.85
C GLY A 304 15.60 36.13 -22.09
N THR A 305 15.76 36.86 -23.17
CA THR A 305 14.94 36.55 -24.33
C THR A 305 15.47 35.34 -25.08
N THR A 306 16.66 34.80 -24.70
CA THR A 306 17.11 33.53 -25.27
C THR A 306 16.66 32.34 -24.45
N MET A 307 15.75 32.56 -23.49
CA MET A 307 15.36 31.44 -22.61
C MET A 307 14.29 30.54 -23.21
N TYR A 308 13.66 30.92 -24.33
CA TYR A 308 12.59 30.09 -24.91
C TYR A 308 13.05 28.65 -25.17
N PRO A 309 12.28 27.64 -24.73
CA PRO A 309 12.53 26.28 -25.20
C PRO A 309 12.57 26.24 -26.72
N GLY A 310 13.50 25.45 -27.27
CA GLY A 310 13.63 25.28 -28.72
C GLY A 310 14.54 26.29 -29.44
N ILE A 311 14.92 27.40 -28.82
CA ILE A 311 15.63 28.45 -29.58
C ILE A 311 17.03 27.98 -29.99
N ALA A 312 17.71 27.22 -29.13
CA ALA A 312 19.07 26.74 -29.47
C ALA A 312 19.02 25.82 -30.69
N ASP A 313 18.08 24.84 -30.69
CA ASP A 313 17.90 23.94 -31.83
C ASP A 313 17.48 24.68 -33.09
N ARG A 314 16.59 25.66 -32.99
CA ARG A 314 16.21 26.43 -34.16
C ARG A 314 17.41 27.20 -34.74
N MET A 315 18.17 27.87 -33.86
CA MET A 315 19.35 28.60 -34.30
CA MET A 315 19.34 28.60 -34.33
C MET A 315 20.34 27.67 -34.99
N GLN A 316 20.53 26.46 -34.46
CA GLN A 316 21.44 25.49 -35.08
C GLN A 316 21.00 25.15 -36.48
N LYS A 317 19.70 24.91 -36.64
CA LYS A 317 19.15 24.58 -37.95
C LYS A 317 19.28 25.76 -38.90
N GLU A 318 18.98 26.96 -38.42
CA GLU A 318 19.03 28.12 -39.32
C GLU A 318 20.48 28.44 -39.73
N ILE A 319 21.45 28.36 -38.81
CA ILE A 319 22.84 28.65 -39.18
C ILE A 319 23.37 27.58 -40.13
N THR A 320 23.08 26.32 -39.86
CA THR A 320 23.48 25.25 -40.76
C THR A 320 23.02 25.53 -42.19
N ALA A 321 21.79 26.02 -42.35
CA ALA A 321 21.33 26.31 -43.70
C ALA A 321 22.11 27.46 -44.35
N LEU A 322 22.61 28.41 -43.55
CA LEU A 322 23.30 29.56 -44.13
C LEU A 322 24.78 29.33 -44.37
N ALA A 323 25.41 28.49 -43.57
CA ALA A 323 26.86 28.31 -43.53
C ALA A 323 27.34 27.38 -44.65
N PRO A 324 28.65 27.34 -44.90
CA PRO A 324 29.16 26.30 -45.78
C PRO A 324 28.79 24.90 -45.30
N SER A 325 28.57 23.99 -46.25
CA SER A 325 28.08 22.65 -45.89
C SER A 325 29.06 21.87 -45.01
N THR A 326 30.35 22.15 -45.09
CA THR A 326 31.34 21.48 -44.24
C THR A 326 31.37 22.01 -42.80
N MET A 327 30.72 23.13 -42.53
CA MET A 327 31.04 23.91 -41.32
C MET A 327 30.51 23.24 -40.05
N LYS A 328 31.35 23.18 -39.02
CA LYS A 328 30.88 22.69 -37.74
C LYS A 328 30.25 23.85 -36.95
N ILE A 329 28.97 23.69 -36.60
CA ILE A 329 28.16 24.71 -35.94
C ILE A 329 27.86 24.24 -34.52
N LYS A 330 28.02 25.14 -33.53
CA LYS A 330 27.60 24.77 -32.19
C LYS A 330 26.98 25.96 -31.47
N ILE A 331 25.83 25.73 -30.84
CA ILE A 331 25.12 26.73 -30.06
C ILE A 331 25.27 26.33 -28.59
N ILE A 332 25.86 27.21 -27.79
CA ILE A 332 26.03 27.03 -26.35
C ILE A 332 24.96 27.87 -25.66
N ALA A 333 24.10 27.23 -24.86
CA ALA A 333 22.97 27.91 -24.22
C ALA A 333 22.95 27.49 -22.76
N PRO A 334 23.83 28.05 -21.94
CA PRO A 334 23.89 27.60 -20.55
C PRO A 334 22.55 27.82 -19.84
N PRO A 335 22.23 26.96 -18.90
CA PRO A 335 20.90 27.07 -18.25
C PRO A 335 20.73 28.31 -17.41
N GLU A 336 21.81 28.88 -16.90
CA GLU A 336 21.76 30.10 -16.12
C GLU A 336 21.84 31.39 -16.97
N ARG A 337 21.66 31.31 -18.28
CA ARG A 337 22.06 32.40 -19.18
C ARG A 337 21.22 33.67 -19.05
N LYS A 338 20.09 33.62 -18.36
CA LYS A 338 19.43 34.90 -18.12
C LYS A 338 20.27 35.84 -17.25
N TYR A 339 21.22 35.33 -16.49
CA TYR A 339 22.04 36.17 -15.62
C TYR A 339 23.51 36.00 -15.90
N SER A 340 23.83 35.46 -17.08
CA SER A 340 25.22 35.19 -17.48
C SER A 340 26.09 36.45 -17.36
N VAL A 341 25.57 37.60 -17.80
CA VAL A 341 26.34 38.83 -17.73
C VAL A 341 26.74 39.15 -16.29
N TRP A 342 25.73 39.21 -15.40
CA TRP A 342 25.99 39.52 -14.02
C TRP A 342 26.90 38.46 -13.40
N ILE A 343 26.67 37.19 -13.73
CA ILE A 343 27.45 36.10 -13.13
C ILE A 343 28.88 36.19 -13.60
N GLY A 344 29.07 36.49 -14.87
CA GLY A 344 30.43 36.77 -15.33
C GLY A 344 31.07 37.93 -14.57
N GLY A 345 30.33 39.02 -14.40
CA GLY A 345 30.88 40.13 -13.62
C GLY A 345 31.25 39.71 -12.19
N SER A 346 30.39 38.89 -11.56
CA SER A 346 30.62 38.51 -10.17
C SER A 346 31.86 37.62 -10.04
N ILE A 347 32.07 36.75 -11.03
CA ILE A 347 33.26 35.90 -11.06
C ILE A 347 34.50 36.75 -11.24
N LEU A 348 34.53 37.58 -12.30
CA LEU A 348 35.75 38.30 -12.61
C LEU A 348 36.08 39.34 -11.55
N ALA A 349 35.06 40.07 -11.08
CA ALA A 349 35.31 41.06 -10.02
C ALA A 349 35.85 40.42 -8.74
N SER A 350 35.86 39.09 -8.66
CA SER A 350 36.38 38.41 -7.50
C SER A 350 37.85 38.03 -7.62
N LEU A 351 38.46 38.18 -8.80
CA LEU A 351 39.81 37.69 -9.03
C LEU A 351 40.79 38.86 -8.94
N SER A 352 41.85 38.69 -8.15
CA SER A 352 42.82 39.76 -7.90
C SER A 352 43.39 40.33 -9.19
N THR A 353 43.83 39.45 -10.07
CA THR A 353 44.39 39.84 -11.36
C THR A 353 43.44 40.72 -12.16
N PHE A 354 42.13 40.57 -11.95
CA PHE A 354 41.18 41.39 -12.70
C PHE A 354 41.03 42.76 -12.05
N GLN A 355 40.97 42.79 -10.72
CA GLN A 355 40.82 44.06 -10.01
C GLN A 355 42.04 44.94 -10.13
N GLN A 356 43.22 44.38 -10.38
CA GLN A 356 44.39 45.21 -10.61
C GLN A 356 44.15 46.15 -11.80
N MET A 357 43.22 45.80 -12.70
CA MET A 357 43.00 46.60 -13.88
C MET A 357 42.08 47.78 -13.65
N TRP A 358 41.44 47.88 -12.49
CA TRP A 358 40.39 48.87 -12.28
C TRP A 358 40.95 50.29 -12.13
N ILE A 359 40.07 51.27 -12.37
CA ILE A 359 40.38 52.68 -12.18
C ILE A 359 40.21 52.99 -10.69
N THR A 360 41.27 53.50 -10.06
CA THR A 360 41.24 53.91 -8.67
C THR A 360 40.80 55.36 -8.56
N LYS A 361 40.18 55.70 -7.43
CA LYS A 361 39.77 57.07 -7.17
C LYS A 361 40.93 58.05 -7.33
N GLN A 362 42.14 57.62 -6.95
CA GLN A 362 43.33 58.47 -7.12
C GLN A 362 43.66 58.71 -8.60
N GLU A 363 43.58 57.66 -9.43
CA GLU A 363 43.82 57.81 -10.86
C GLU A 363 42.79 58.71 -11.52
N TYR A 364 41.52 58.66 -11.07
CA TYR A 364 40.51 59.52 -11.66
C TYR A 364 40.81 60.98 -11.37
N ASP A 365 41.07 61.31 -10.11
CA ASP A 365 41.37 62.70 -9.75
C ASP A 365 42.54 63.22 -10.55
N GLU A 366 43.53 62.36 -10.79
CA GLU A 366 44.73 62.73 -11.52
C GLU A 366 44.53 62.83 -13.03
N ALA A 367 43.47 62.23 -13.56
CA ALA A 367 43.29 62.19 -15.02
C ALA A 367 41.88 62.50 -15.49
N GLY A 368 40.85 62.40 -14.65
CA GLY A 368 39.50 62.73 -15.08
C GLY A 368 38.77 61.59 -15.76
N PRO A 369 37.55 61.86 -16.25
CA PRO A 369 36.73 60.77 -16.81
C PRO A 369 37.34 60.09 -18.01
N SER A 370 38.24 60.73 -18.77
CA SER A 370 38.79 60.12 -19.99
C SER A 370 39.67 58.91 -19.69
N ILE A 371 40.08 58.70 -18.45
CA ILE A 371 40.85 57.52 -18.05
C ILE A 371 40.14 56.22 -18.47
N VAL A 372 38.79 56.22 -18.52
CA VAL A 372 38.04 54.99 -18.82
C VAL A 372 38.45 54.36 -20.14
N HIS A 373 38.88 55.16 -21.12
CA HIS A 373 39.25 54.60 -22.42
C HIS A 373 40.60 53.87 -22.36
N ARG A 374 41.50 54.30 -21.47
CA ARG A 374 42.79 53.61 -21.39
C ARG A 374 42.69 52.36 -20.55
N LYS A 375 41.90 52.41 -19.50
CA LYS A 375 41.89 51.30 -18.55
C LYS A 375 40.82 50.25 -18.86
N CYS A 376 39.71 50.62 -19.51
CA CYS A 376 38.57 49.70 -19.69
C CYS A 376 38.28 49.42 -21.15
N PHE A 377 38.82 48.34 -21.68
CA PHE A 377 38.30 47.89 -22.96
C PHE A 377 38.32 46.35 -23.10
N MET B 1 56.10 17.88 -21.18
CA MET B 1 56.66 19.24 -21.20
C MET B 1 55.60 20.31 -20.84
N VAL B 2 54.36 20.06 -21.21
CA VAL B 2 53.30 21.05 -21.00
C VAL B 2 52.96 21.13 -19.51
N LYS B 3 52.51 22.31 -19.08
CA LYS B 3 52.12 22.55 -17.69
C LYS B 3 50.58 22.56 -17.58
N VAL B 4 50.04 21.77 -16.65
CA VAL B 4 48.60 21.54 -16.54
C VAL B 4 48.12 22.03 -15.20
N LEU B 5 47.14 22.91 -15.22
CA LEU B 5 46.67 23.63 -14.04
C LEU B 5 45.21 23.30 -13.80
N HIS B 6 44.85 23.05 -12.54
CA HIS B 6 43.51 22.65 -12.16
C HIS B 6 42.86 23.83 -11.43
N VAL B 7 41.70 24.27 -11.92
CA VAL B 7 40.92 25.29 -11.23
C VAL B 7 40.36 24.70 -9.95
N GLN B 8 40.63 25.40 -8.83
CA GLN B 8 40.15 25.05 -7.50
C GLN B 8 39.58 26.32 -6.85
N GLY B 9 38.27 26.54 -6.92
CA GLY B 9 37.80 27.84 -6.45
C GLY B 9 38.35 29.00 -7.28
N LYS B 10 38.95 30.02 -6.65
CA LYS B 10 39.46 31.15 -7.43
C LYS B 10 40.95 30.96 -7.74
N LYS B 11 41.56 29.81 -7.33
CA LYS B 11 42.95 29.35 -7.48
C LYS B 11 43.15 28.58 -8.78
N LEU B 12 44.40 28.59 -9.22
CA LEU B 12 44.91 27.64 -10.22
C LEU B 12 46.01 26.81 -9.54
N LYS B 13 45.85 25.49 -9.48
CA LYS B 13 46.86 24.62 -8.86
C LYS B 13 47.45 23.66 -9.89
N GLU B 14 48.77 23.58 -9.95
CA GLU B 14 49.42 22.72 -10.93
C GLU B 14 49.28 21.25 -10.53
N VAL B 15 49.12 20.39 -11.50
CA VAL B 15 49.02 18.97 -11.22
C VAL B 15 50.01 18.23 -12.11
N GLN B 16 50.37 17.01 -11.70
CA GLN B 16 51.33 16.20 -12.44
C GLN B 16 50.63 14.95 -12.94
N SER B 17 51.25 14.31 -13.94
CA SER B 17 50.80 12.98 -14.35
C SER B 17 50.71 12.05 -13.16
N PRO B 18 49.77 11.08 -13.15
CA PRO B 18 48.81 10.87 -14.24
C PRO B 18 47.66 11.87 -14.19
N TYR B 19 47.23 12.38 -15.34
CA TYR B 19 46.16 13.38 -15.40
C TYR B 19 44.80 12.67 -15.42
N ASN B 20 43.98 12.95 -14.42
CA ASN B 20 42.61 12.43 -14.31
C ASN B 20 41.74 13.67 -14.19
N PHE B 21 41.20 14.15 -15.30
CA PHE B 21 40.40 15.35 -15.26
C PHE B 21 39.03 15.06 -14.65
N LEU B 22 38.65 15.80 -13.61
CA LEU B 22 37.30 15.65 -13.05
C LEU B 22 36.28 16.28 -13.98
N ASN B 23 35.16 15.55 -14.25
CA ASN B 23 34.24 16.06 -15.29
C ASN B 23 33.45 17.28 -14.83
N GLY B 24 33.46 17.58 -13.54
CA GLY B 24 32.83 18.80 -13.09
C GLY B 24 33.76 19.98 -12.98
N ASP B 25 34.98 19.89 -13.52
CA ASP B 25 36.04 20.88 -13.27
C ASP B 25 36.64 21.40 -14.58
N VAL B 26 37.59 22.33 -14.45
CA VAL B 26 38.17 23.03 -15.58
C VAL B 26 39.67 22.98 -15.41
N TYR B 27 40.39 22.68 -16.50
CA TYR B 27 41.84 22.65 -16.47
C TYR B 27 42.37 23.60 -17.53
N VAL B 28 43.50 24.21 -17.20
CA VAL B 28 44.18 25.12 -18.12
C VAL B 28 45.52 24.49 -18.46
N ILE B 29 45.72 24.21 -19.73
CA ILE B 29 46.89 23.50 -20.19
C ILE B 29 47.77 24.56 -20.86
N ASP B 30 48.91 24.84 -20.27
CA ASP B 30 49.78 25.92 -20.73
C ASP B 30 50.85 25.30 -21.62
N ASP B 31 50.72 25.50 -22.92
CA ASP B 31 51.72 25.06 -23.89
C ASP B 31 52.40 26.27 -24.53
N SER B 32 52.70 27.28 -23.71
CA SER B 32 53.24 28.52 -24.24
C SER B 32 54.71 28.73 -23.96
N LYS B 33 55.34 27.83 -23.19
CA LYS B 33 56.72 28.10 -22.77
C LYS B 33 57.65 26.98 -23.15
N LYS B 34 58.88 27.38 -23.51
CA LYS B 34 59.96 26.47 -23.85
C LYS B 34 60.50 25.75 -22.61
N PRO B 35 61.12 24.57 -22.82
CA PRO B 35 61.73 23.80 -21.73
C PRO B 35 62.31 24.58 -20.54
N ASP B 36 63.11 25.63 -20.78
CA ASP B 36 63.72 26.32 -19.64
C ASP B 36 62.71 27.13 -18.82
N GLY B 37 61.59 27.55 -19.41
CA GLY B 37 60.61 28.41 -18.75
C GLY B 37 60.40 29.75 -19.43
N SER B 38 61.04 29.99 -20.57
CA SER B 38 60.94 31.20 -21.37
C SER B 38 59.80 31.09 -22.37
N ASP B 39 59.25 32.24 -22.76
CA ASP B 39 58.21 32.24 -23.78
C ASP B 39 58.73 31.62 -25.07
N LYS B 40 57.89 30.83 -25.74
CA LYS B 40 58.28 30.20 -27.00
C LYS B 40 58.29 31.21 -28.13
N ASP B 41 59.12 30.93 -29.13
CA ASP B 41 59.19 31.80 -30.30
C ASP B 41 57.86 31.74 -31.05
N PRO B 42 57.26 32.88 -31.38
CA PRO B 42 55.98 32.87 -32.11
C PRO B 42 55.94 31.92 -33.30
N VAL B 43 57.10 31.65 -33.93
CA VAL B 43 57.17 30.65 -34.98
C VAL B 43 56.69 29.29 -34.50
N ASP B 44 56.91 28.97 -33.22
CA ASP B 44 56.54 27.67 -32.67
C ASP B 44 55.15 27.64 -32.07
N SER B 45 54.31 28.62 -32.39
CA SER B 45 52.87 28.58 -32.16
C SER B 45 52.49 28.31 -30.71
N PRO B 46 52.87 29.17 -29.76
CA PRO B 46 52.52 28.91 -28.35
C PRO B 46 51.01 28.93 -28.17
N LYS B 47 50.51 27.95 -27.40
CA LYS B 47 49.08 27.81 -27.22
C LYS B 47 48.73 27.63 -25.75
N VAL B 48 47.53 28.08 -25.40
CA VAL B 48 46.96 27.79 -24.09
C VAL B 48 45.58 27.21 -24.33
N TYR B 49 45.28 26.09 -23.68
CA TYR B 49 43.98 25.43 -23.79
C TYR B 49 43.21 25.51 -22.50
N ILE B 50 41.92 25.80 -22.63
CA ILE B 50 40.98 25.78 -21.52
C ILE B 50 40.10 24.54 -21.70
N TRP B 51 40.27 23.53 -20.85
CA TRP B 51 39.48 22.30 -20.93
C TRP B 51 38.28 22.42 -19.99
N LEU B 52 37.08 22.27 -20.58
CA LEU B 52 35.80 22.41 -19.87
C LEU B 52 35.16 21.06 -19.61
N GLY B 53 35.08 20.67 -18.33
CA GLY B 53 34.34 19.46 -17.99
C GLY B 53 32.87 19.63 -18.30
N SER B 54 32.21 18.51 -18.67
CA SER B 54 30.83 18.62 -19.11
C SER B 54 29.91 19.10 -17.98
N LYS B 55 30.31 18.92 -16.74
CA LYS B 55 29.45 19.29 -15.63
C LYS B 55 29.97 20.53 -14.91
N ALA B 56 30.92 21.23 -15.50
CA ALA B 56 31.57 22.33 -14.78
C ALA B 56 30.68 23.57 -14.80
N TYR B 57 30.55 24.25 -13.67
CA TYR B 57 29.69 25.42 -13.65
C TYR B 57 30.46 26.71 -14.01
N ALA B 58 29.73 27.82 -14.11
CA ALA B 58 30.28 29.08 -14.65
C ALA B 58 31.52 29.57 -13.89
N ASP B 59 31.57 29.37 -12.57
CA ASP B 59 32.73 29.90 -11.86
C ASP B 59 34.01 29.18 -12.26
N ASP B 60 33.99 27.84 -12.25
CA ASP B 60 35.16 27.10 -12.71
C ASP B 60 35.51 27.50 -14.14
N ARG B 61 34.53 27.67 -15.00
CA ARG B 61 34.81 28.05 -16.40
C ARG B 61 35.41 29.45 -16.51
N GLY B 62 34.86 30.42 -15.76
CA GLY B 62 35.32 31.79 -15.87
C GLY B 62 36.69 31.97 -15.27
N VAL B 63 36.95 31.27 -14.16
CA VAL B 63 38.27 31.35 -13.56
C VAL B 63 39.30 30.81 -14.53
N GLY B 64 39.00 29.69 -15.18
CA GLY B 64 39.93 29.12 -16.16
C GLY B 64 40.11 30.00 -17.39
N ALA B 65 39.02 30.56 -17.92
CA ALA B 65 39.16 31.44 -19.09
C ALA B 65 39.90 32.72 -18.75
N TRP B 66 39.69 33.27 -17.56
CA TRP B 66 40.43 34.47 -17.19
C TRP B 66 41.92 34.16 -16.99
N ALA B 67 42.23 32.99 -16.41
CA ALA B 67 43.62 32.61 -16.26
C ALA B 67 44.33 32.51 -17.63
N ALA B 68 43.65 31.96 -18.66
CA ALA B 68 44.27 31.91 -19.99
C ALA B 68 44.46 33.31 -20.55
N LYS B 69 43.47 34.18 -20.36
CA LYS B 69 43.63 35.56 -20.81
C LYS B 69 44.87 36.20 -20.19
N MET B 70 45.11 35.92 -18.90
CA MET B 70 46.28 36.48 -18.20
C MET B 70 47.60 35.98 -18.77
N LEU B 71 47.65 34.71 -19.20
CA LEU B 71 48.82 34.20 -19.90
C LEU B 71 48.97 34.86 -21.27
N ASP B 72 47.85 35.03 -22.00
CA ASP B 72 47.91 35.75 -23.26
C ASP B 72 48.33 37.21 -23.06
N LYS B 73 47.93 37.80 -21.94
CA LYS B 73 48.22 39.20 -21.69
C LYS B 73 49.72 39.42 -21.57
N GLU B 74 50.40 38.49 -20.92
CA GLU B 74 51.84 38.60 -20.78
C GLU B 74 52.61 38.14 -22.01
N ASN B 75 52.00 37.38 -22.91
CA ASN B 75 52.67 36.99 -24.16
C ASN B 75 51.62 36.88 -25.25
N GLN B 76 51.42 37.96 -26.01
CA GLN B 76 50.29 38.03 -26.91
C GLN B 76 50.42 37.08 -28.10
N ALA B 77 51.61 36.51 -28.35
CA ALA B 77 51.72 35.51 -29.41
C ALA B 77 50.92 34.26 -29.09
N ILE B 78 50.54 34.07 -27.83
CA ILE B 78 49.74 32.92 -27.45
C ILE B 78 48.40 32.90 -28.19
N ASP B 79 48.03 31.72 -28.66
CA ASP B 79 46.71 31.44 -29.17
C ASP B 79 45.95 30.64 -28.10
N ILE B 80 44.74 31.08 -27.75
CA ILE B 80 43.92 30.41 -26.74
C ILE B 80 42.86 29.57 -27.45
N ASP B 81 42.75 28.29 -27.05
CA ASP B 81 41.69 27.42 -27.50
C ASP B 81 40.90 26.95 -26.29
N THR B 82 39.58 26.80 -26.44
CA THR B 82 38.74 26.14 -25.46
C THR B 82 38.44 24.74 -25.97
N GLU B 83 38.63 23.73 -25.13
CA GLU B 83 38.31 22.34 -25.48
C GLU B 83 37.20 21.86 -24.58
N VAL B 84 36.29 21.06 -25.14
CA VAL B 84 35.12 20.58 -24.42
C VAL B 84 35.26 19.07 -24.20
N GLU B 85 34.99 18.62 -22.98
CA GLU B 85 35.05 17.20 -22.64
C GLU B 85 34.41 16.33 -23.71
N GLY B 86 35.17 15.32 -24.18
CA GLY B 86 34.68 14.35 -25.14
C GLY B 86 34.72 14.78 -26.58
N LYS B 87 35.06 16.03 -26.88
CA LYS B 87 35.16 16.53 -28.24
C LYS B 87 36.44 17.33 -28.40
N GLU B 88 37.49 16.91 -27.71
CA GLU B 88 38.75 17.64 -27.76
C GLU B 88 39.32 17.55 -29.17
N SER B 89 40.08 18.57 -29.56
CA SER B 89 40.73 18.57 -30.86
C SER B 89 41.81 17.50 -30.93
N ALA B 90 42.14 17.06 -32.15
CA ALA B 90 43.21 16.06 -32.29
C ALA B 90 44.53 16.60 -31.76
N GLU B 91 44.77 17.91 -31.89
CA GLU B 91 46.02 18.50 -31.44
C GLU B 91 46.14 18.50 -29.92
N PHE B 92 45.10 18.97 -29.21
CA PHE B 92 45.14 18.97 -27.73
C PHE B 92 45.32 17.56 -27.22
N LYS B 93 44.65 16.62 -27.87
CA LYS B 93 44.66 15.23 -27.52
C LYS B 93 46.01 14.64 -27.76
N THR B 94 46.86 15.34 -28.53
CA THR B 94 48.24 14.93 -28.80
C THR B 94 49.24 15.39 -27.75
N ILE B 95 48.95 16.47 -27.02
CA ILE B 95 49.95 17.08 -26.15
C ILE B 95 49.76 16.69 -24.69
N VAL B 96 48.56 16.27 -24.27
CA VAL B 96 48.33 15.79 -22.92
C VAL B 96 47.67 14.43 -22.97
N ASP B 97 48.18 13.51 -22.16
CA ASP B 97 47.56 12.22 -21.96
C ASP B 97 46.69 12.31 -20.72
N PHE B 98 45.41 12.00 -20.86
CA PHE B 98 44.55 12.20 -19.72
C PHE B 98 43.36 11.25 -19.82
N SER B 99 42.75 11.00 -18.68
CA SER B 99 41.45 10.38 -18.71
C SER B 99 40.50 11.30 -17.97
N VAL B 100 39.22 11.01 -18.11
CA VAL B 100 38.18 11.83 -17.50
C VAL B 100 37.48 10.99 -16.47
N VAL B 101 37.32 11.51 -15.26
CA VAL B 101 36.72 10.75 -14.19
C VAL B 101 35.55 11.55 -13.64
N GLU B 102 34.61 10.84 -13.00
CA GLU B 102 33.45 11.48 -12.39
C GLU B 102 33.85 12.18 -11.08
N GLY B 103 33.54 13.47 -10.97
CA GLY B 103 33.95 14.19 -9.78
C GLY B 103 33.84 15.69 -9.96
N ASP B 104 33.67 16.43 -8.86
CA ASP B 104 33.35 17.86 -8.99
C ASP B 104 33.85 18.56 -7.74
N THR B 105 34.84 19.43 -7.94
CA THR B 105 35.25 20.39 -6.94
C THR B 105 34.26 21.55 -6.98
N PRO B 106 33.60 21.89 -5.89
CA PRO B 106 32.66 23.03 -5.95
C PRO B 106 33.37 24.36 -6.26
N GLY B 107 32.73 25.22 -7.07
CA GLY B 107 33.29 26.52 -7.35
C GLY B 107 33.25 27.46 -6.15
N PHE B 108 33.86 28.61 -6.30
CA PHE B 108 33.97 29.51 -5.14
C PHE B 108 32.74 30.39 -4.92
N LEU B 109 31.81 30.52 -5.87
CA LEU B 109 30.70 31.45 -5.71
C LEU B 109 29.83 30.99 -4.55
N LYS B 110 29.37 31.96 -3.79
CA LYS B 110 28.49 31.71 -2.65
C LYS B 110 27.06 31.55 -3.15
N HIS B 111 26.31 30.62 -2.56
CA HIS B 111 24.98 30.39 -3.08
C HIS B 111 23.99 31.41 -2.53
N VAL B 112 23.24 32.05 -3.41
CA VAL B 112 22.22 33.02 -3.02
C VAL B 112 20.87 32.40 -3.35
N GLU B 113 19.85 32.72 -2.57
CA GLU B 113 18.54 32.08 -2.73
C GLU B 113 17.65 32.93 -3.64
N VAL B 114 17.82 32.75 -4.95
CA VAL B 114 16.98 33.42 -5.95
C VAL B 114 16.47 32.38 -6.94
N ASN B 115 15.17 32.42 -7.20
CA ASN B 115 14.52 31.52 -8.15
C ASN B 115 14.65 32.11 -9.54
N PHE B 116 15.31 31.36 -10.45
CA PHE B 116 15.47 31.86 -11.82
C PHE B 116 14.12 31.86 -12.56
N GLN B 117 13.17 31.01 -12.11
CA GLN B 117 11.79 30.97 -12.63
C GLN B 117 11.72 30.68 -14.13
N ASP B 118 12.62 29.81 -14.62
CA ASP B 118 12.68 29.37 -16.01
C ASP B 118 12.13 27.96 -16.13
N VAL B 119 11.53 27.66 -17.29
CA VAL B 119 10.90 26.37 -17.56
C VAL B 119 11.91 25.25 -17.23
N ASP B 120 11.56 24.39 -16.25
CA ASP B 120 12.33 23.23 -15.82
C ASP B 120 11.36 22.08 -15.51
N TYR B 121 11.74 20.83 -15.85
CA TYR B 121 10.89 19.66 -15.64
C TYR B 121 11.52 18.68 -14.64
N GLU B 122 10.69 18.00 -13.86
CA GLU B 122 11.24 17.04 -12.91
C GLU B 122 10.19 16.00 -12.61
N MET B 123 10.63 14.81 -12.22
CA MET B 123 9.74 13.77 -11.73
C MET B 123 10.15 13.40 -10.33
N TYR B 124 9.19 13.30 -9.41
CA TYR B 124 9.45 12.92 -8.02
C TYR B 124 8.75 11.64 -7.64
N ARG B 125 9.46 10.79 -6.89
CA ARG B 125 8.84 9.64 -6.22
C ARG B 125 8.43 10.01 -4.80
N VAL B 126 7.20 9.70 -4.43
CA VAL B 126 6.65 10.04 -3.11
C VAL B 126 6.35 8.72 -2.39
N TYR B 127 7.06 8.44 -1.30
CA TYR B 127 6.94 7.12 -0.70
C TYR B 127 7.22 7.14 0.81
N ASP B 128 6.44 6.39 1.56
CA ASP B 128 6.71 6.14 2.96
C ASP B 128 7.65 4.95 3.07
N THR B 129 8.74 5.09 3.84
CA THR B 129 9.82 4.11 3.87
C THR B 129 9.60 2.96 4.83
N ASP B 130 8.55 3.00 5.64
CA ASP B 130 8.32 1.92 6.61
C ASP B 130 6.82 1.74 6.77
N LEU B 131 6.25 0.78 6.07
CA LEU B 131 4.84 0.47 6.25
C LEU B 131 4.64 -0.53 7.38
N SER B 132 5.71 -1.07 7.94
CA SER B 132 5.55 -2.00 9.05
C SER B 132 5.00 -1.32 10.32
N ASP B 133 5.10 0.01 10.42
CA ASP B 133 4.66 0.75 11.60
C ASP B 133 3.18 1.14 11.52
N GLY B 134 2.46 0.70 10.49
CA GLY B 134 1.03 0.95 10.41
C GLY B 134 0.62 2.34 9.95
N SER B 135 1.55 3.15 9.44
CA SER B 135 1.19 4.44 8.88
C SER B 135 1.92 4.65 7.55
N SER B 136 1.22 5.18 6.56
CA SER B 136 1.88 5.54 5.32
C SER B 136 2.09 7.04 5.19
N SER B 137 1.97 7.77 6.29
CA SER B 137 2.13 9.21 6.28
C SER B 137 3.30 9.74 7.12
N ASP B 138 3.95 8.90 7.93
CA ASP B 138 4.93 9.40 8.88
C ASP B 138 6.38 9.30 8.41
N ASP B 139 6.67 8.54 7.36
CA ASP B 139 8.03 8.40 6.85
C ASP B 139 8.11 8.72 5.37
N ILE B 140 7.39 9.75 4.94
CA ILE B 140 7.34 10.11 3.53
C ILE B 140 8.69 10.70 3.12
N GLU B 141 9.23 10.23 2.00
CA GLU B 141 10.40 10.80 1.34
C GLU B 141 10.00 11.21 -0.07
N ILE B 142 10.56 12.31 -0.55
CA ILE B 142 10.38 12.81 -1.92
C ILE B 142 11.73 12.76 -2.64
N ASP B 143 11.88 11.84 -3.59
CA ASP B 143 13.15 11.70 -4.32
C ASP B 143 12.95 12.06 -5.78
N PRO B 144 13.78 12.91 -6.36
CA PRO B 144 13.77 13.00 -7.82
C PRO B 144 14.20 11.69 -8.46
N VAL B 145 13.52 11.31 -9.54
CA VAL B 145 13.78 10.11 -10.31
C VAL B 145 13.80 10.56 -11.77
N PRO B 146 14.38 9.77 -12.67
CA PRO B 146 14.40 10.17 -14.09
C PRO B 146 12.99 10.31 -14.65
N LEU B 147 12.82 11.30 -15.52
CA LEU B 147 11.56 11.56 -16.20
C LEU B 147 11.32 10.49 -17.26
N SER B 148 10.50 9.50 -16.95
CA SER B 148 10.37 8.39 -17.87
C SER B 148 9.26 7.47 -17.41
N LYS B 149 8.63 6.78 -18.36
CA LYS B 149 7.67 5.77 -17.96
C LYS B 149 8.34 4.69 -17.10
N ASN B 150 9.63 4.47 -17.31
CA ASN B 150 10.37 3.46 -16.56
C ASN B 150 10.45 3.75 -15.07
N SER B 151 10.35 5.00 -14.65
CA SER B 151 10.47 5.28 -13.22
C SER B 151 9.18 5.02 -12.46
N LEU B 152 8.05 4.96 -13.17
CA LEU B 152 6.75 4.75 -12.55
C LEU B 152 6.68 3.34 -11.95
N LYS B 153 6.25 3.27 -10.70
CA LYS B 153 6.16 2.01 -9.99
C LYS B 153 4.82 1.93 -9.27
N SER B 154 4.16 0.76 -9.33
CA SER B 154 2.80 0.62 -8.83
C SER B 154 2.71 0.95 -7.34
N GLU B 155 3.80 0.71 -6.59
CA GLU B 155 3.83 0.76 -5.13
C GLU B 155 3.84 2.16 -4.56
N ASP B 156 4.07 3.20 -5.38
CA ASP B 156 4.24 4.55 -4.87
C ASP B 156 3.44 5.55 -5.71
N VAL B 157 3.60 6.82 -5.33
CA VAL B 157 3.00 7.98 -6.00
C VAL B 157 4.12 8.80 -6.65
N PHE B 158 3.85 9.33 -7.86
CA PHE B 158 4.85 10.11 -8.59
C PHE B 158 4.27 11.46 -8.98
N VAL B 159 5.04 12.53 -8.76
CA VAL B 159 4.66 13.88 -9.15
C VAL B 159 5.49 14.25 -10.36
N ILE B 160 4.81 14.51 -11.46
CA ILE B 160 5.44 14.85 -12.71
C ILE B 160 5.28 16.36 -12.90
N ASP B 161 6.39 17.06 -12.74
CA ASP B 161 6.40 18.52 -12.79
C ASP B 161 6.78 18.95 -14.20
N GLY B 162 5.80 19.33 -14.98
CA GLY B 162 6.05 19.82 -16.32
C GLY B 162 5.92 21.32 -16.40
N TRP B 163 6.26 21.97 -15.29
CA TRP B 163 6.29 23.42 -15.07
C TRP B 163 4.88 24.02 -14.96
N ASN B 164 4.20 24.14 -16.10
N ASN B 164 4.15 24.18 -16.06
CA ASN B 164 2.84 24.66 -16.20
CA ASN B 164 2.78 24.67 -15.92
C ASN B 164 1.78 23.57 -16.06
C ASN B 164 1.74 23.57 -16.04
N ASP B 165 2.14 22.32 -16.28
CA ASP B 165 1.27 21.17 -16.10
C ASP B 165 1.91 20.27 -15.06
N ILE B 166 1.15 19.93 -14.04
CA ILE B 166 1.65 19.09 -12.96
C ILE B 166 0.73 17.89 -12.80
N TYR B 167 1.30 16.68 -12.88
CA TYR B 167 0.52 15.46 -12.77
C TYR B 167 0.87 14.71 -11.49
N VAL B 168 -0.13 14.24 -10.78
CA VAL B 168 0.10 13.35 -9.64
C VAL B 168 -0.35 11.96 -10.07
N TRP B 169 0.61 11.05 -10.26
CA TRP B 169 0.33 9.70 -10.74
C TRP B 169 0.26 8.76 -9.53
N ILE B 170 -0.90 8.11 -9.36
CA ILE B 170 -1.22 7.25 -8.22
C ILE B 170 -1.00 5.80 -8.63
N GLY B 171 -0.01 5.14 -8.04
CA GLY B 171 0.18 3.74 -8.30
C GLY B 171 -0.98 2.89 -7.80
N SER B 172 -1.31 1.86 -8.56
CA SER B 172 -2.46 1.03 -8.17
C SER B 172 -2.21 0.30 -6.84
N LYS B 173 -0.95 0.13 -6.42
CA LYS B 173 -0.60 -0.47 -5.13
C LYS B 173 0.00 0.54 -4.15
N SER B 174 -0.29 1.81 -4.30
CA SER B 174 0.29 2.80 -3.41
C SER B 174 -0.61 3.02 -2.21
N GLN B 175 -0.10 3.77 -1.23
CA GLN B 175 -0.76 3.95 0.05
C GLN B 175 -1.37 5.35 0.17
N VAL B 176 -2.29 5.47 1.13
CA VAL B 176 -3.08 6.70 1.25
C VAL B 176 -2.20 7.91 1.60
N GLY B 177 -1.22 7.73 2.49
CA GLY B 177 -0.37 8.84 2.88
C GLY B 177 0.51 9.36 1.75
N GLU B 178 0.83 8.50 0.79
CA GLU B 178 1.61 8.92 -0.37
C GLU B 178 0.76 9.75 -1.32
N LYS B 179 -0.54 9.42 -1.43
CA LYS B 179 -1.47 10.25 -2.20
C LYS B 179 -1.62 11.63 -1.58
N ALA B 180 -1.83 11.70 -0.25
CA ALA B 180 -1.91 13.00 0.41
C ALA B 180 -0.62 13.80 0.20
N ALA B 181 0.55 13.18 0.42
CA ALA B 181 1.80 13.91 0.25
C ALA B 181 2.02 14.29 -1.22
N GLY B 182 1.69 13.40 -2.15
CA GLY B 182 1.82 13.76 -3.55
C GLY B 182 0.99 14.99 -3.90
N ASN B 183 -0.27 15.02 -3.46
CA ASN B 183 -1.13 16.15 -3.79
C ASN B 183 -0.63 17.41 -3.11
N ARG B 184 -0.11 17.29 -1.89
CA ARG B 184 0.40 18.45 -1.19
C ARG B 184 1.63 19.04 -1.91
N LEU B 185 2.51 18.16 -2.42
CA LEU B 185 3.64 18.63 -3.22
C LEU B 185 3.17 19.37 -4.48
N ALA B 186 2.19 18.81 -5.20
CA ALA B 186 1.68 19.50 -6.40
C ALA B 186 1.11 20.86 -6.02
N ARG B 187 0.39 20.92 -4.89
CA ARG B 187 -0.20 22.18 -4.43
C ARG B 187 0.90 23.19 -4.12
N LYS B 188 1.99 22.74 -3.51
CA LYS B 188 3.07 23.67 -3.19
C LYS B 188 3.70 24.23 -4.47
N LEU B 189 3.97 23.38 -5.45
CA LEU B 189 4.54 23.86 -6.72
C LEU B 189 3.56 24.82 -7.42
N ASP B 190 2.25 24.50 -7.41
CA ASP B 190 1.24 25.38 -8.00
C ASP B 190 1.24 26.74 -7.31
N THR B 191 1.29 26.71 -5.96
CA THR B 191 1.28 27.94 -5.15
C THR B 191 2.53 28.79 -5.39
N GLU B 192 3.71 28.16 -5.49
CA GLU B 192 4.93 28.93 -5.79
C GLU B 192 4.84 29.65 -7.13
N ARG B 193 4.11 29.07 -8.08
CA ARG B 193 4.00 29.64 -9.42
C ARG B 193 2.73 30.47 -9.59
N LYS B 194 2.24 31.05 -8.48
CA LYS B 194 1.13 32.01 -8.46
C LYS B 194 -0.14 31.36 -8.98
N ARG B 195 -0.25 30.04 -8.82
CA ARG B 195 -1.40 29.22 -9.16
C ARG B 195 -1.65 29.09 -10.68
N THR B 196 -0.79 29.67 -11.54
CA THR B 196 -0.99 29.52 -12.99
C THR B 196 -0.97 28.07 -13.49
N PRO B 197 -0.33 27.08 -12.84
CA PRO B 197 -0.33 25.72 -13.39
C PRO B 197 -1.68 24.98 -13.36
N MET B 198 -1.82 24.04 -14.30
CA MET B 198 -2.90 23.06 -14.28
C MET B 198 -2.41 21.83 -13.53
N VAL B 199 -3.20 21.35 -12.59
CA VAL B 199 -2.81 20.22 -11.74
C VAL B 199 -3.83 19.10 -11.92
N TYR B 200 -3.35 17.88 -12.24
CA TYR B 200 -4.20 16.72 -12.41
C TYR B 200 -3.69 15.55 -11.58
N THR B 201 -4.62 14.82 -10.97
CA THR B 201 -4.34 13.59 -10.26
C THR B 201 -4.87 12.45 -11.12
N VAL B 202 -3.99 11.54 -11.53
CA VAL B 202 -4.35 10.46 -12.44
C VAL B 202 -4.02 9.14 -11.78
N ASN B 203 -4.83 8.12 -12.10
CA ASN B 203 -4.61 6.79 -11.57
C ASN B 203 -3.91 5.89 -12.58
N GLU B 204 -3.16 4.91 -12.08
CA GLU B 204 -2.46 3.98 -12.96
C GLU B 204 -3.47 3.16 -13.78
N GLY B 205 -3.20 3.03 -15.08
CA GLY B 205 -4.08 2.33 -16.00
C GLY B 205 -5.23 3.16 -16.55
N LEU B 206 -5.54 4.28 -15.92
CA LEU B 206 -6.59 5.21 -16.32
C LEU B 206 -6.02 6.56 -16.71
N GLU B 207 -4.83 6.57 -17.32
CA GLU B 207 -4.18 7.80 -17.71
C GLU B 207 -4.93 8.46 -18.88
N PRO B 208 -5.02 9.78 -18.90
CA PRO B 208 -5.67 10.45 -20.03
C PRO B 208 -4.87 10.21 -21.31
N ASN B 209 -5.55 10.41 -22.46
CA ASN B 209 -4.95 10.04 -23.74
C ASN B 209 -3.62 10.74 -23.96
N GLY B 210 -3.52 12.00 -23.55
CA GLY B 210 -2.27 12.67 -23.80
C GLY B 210 -1.11 12.25 -22.92
N PHE B 211 -1.34 11.44 -21.88
CA PHE B 211 -0.44 11.39 -20.73
C PHE B 211 0.96 10.86 -21.10
N PHE B 212 1.04 9.67 -21.68
CA PHE B 212 2.37 9.09 -21.93
C PHE B 212 3.14 9.80 -23.05
N GLU B 213 2.44 10.43 -24.00
CA GLU B 213 3.12 11.28 -24.98
C GLU B 213 3.72 12.50 -24.30
N PHE B 214 3.00 13.04 -23.31
CA PHE B 214 3.46 14.18 -22.54
C PHE B 214 4.69 13.84 -21.71
N LEU B 215 4.76 12.61 -21.20
CA LEU B 215 5.92 12.18 -20.43
C LEU B 215 7.15 12.02 -21.32
N GLU B 216 6.96 11.53 -22.54
CA GLU B 216 8.09 11.44 -23.44
C GLU B 216 8.64 12.82 -23.79
N LYS B 217 7.76 13.77 -24.08
CA LYS B 217 8.26 15.08 -24.51
C LYS B 217 8.97 15.76 -23.37
N LEU B 218 8.49 15.60 -22.13
CA LEU B 218 9.15 16.22 -20.99
C LEU B 218 10.58 15.71 -20.83
N GLU B 219 10.81 14.39 -21.02
CA GLU B 219 12.14 13.85 -20.92
C GLU B 219 13.04 14.37 -22.03
N GLN B 220 12.55 14.39 -23.27
CA GLN B 220 13.34 14.94 -24.39
C GLN B 220 13.65 16.42 -24.18
N GLU B 221 12.67 17.20 -23.74
CA GLU B 221 12.72 18.67 -23.83
C GLU B 221 13.24 19.32 -22.54
N ASP B 222 13.53 18.55 -21.49
CA ASP B 222 13.77 19.10 -20.17
C ASP B 222 14.99 20.00 -20.22
N PRO B 223 14.86 21.31 -19.98
CA PRO B 223 16.00 22.21 -20.26
C PRO B 223 17.11 22.10 -19.25
N LYS B 224 16.94 21.34 -18.17
CA LYS B 224 17.98 21.28 -17.14
C LYS B 224 17.98 19.87 -16.54
N LYS B 225 18.62 18.93 -17.25
CA LYS B 225 18.62 17.52 -16.88
C LYS B 225 19.58 17.29 -15.72
N GLN B 226 19.06 16.92 -14.55
CA GLN B 226 19.84 16.88 -13.32
C GLN B 226 19.27 15.87 -12.30
N THR C 7 -49.35 -27.95 11.30
CA THR C 7 -48.89 -27.31 12.53
C THR C 7 -47.53 -27.88 12.99
N THR C 8 -46.74 -27.05 13.68
CA THR C 8 -45.34 -27.38 13.92
C THR C 8 -45.18 -28.09 15.26
N ALA C 9 -44.51 -29.24 15.24
CA ALA C 9 -44.20 -29.95 16.46
C ALA C 9 -43.13 -29.22 17.28
N LEU C 10 -43.23 -29.39 18.59
CA LEU C 10 -42.19 -28.94 19.51
C LEU C 10 -41.26 -30.10 19.83
N VAL C 11 -39.99 -29.79 20.06
CA VAL C 11 -39.01 -30.75 20.56
C VAL C 11 -38.41 -30.21 21.84
N CYS C 12 -38.57 -30.93 22.93
CA CYS C 12 -38.04 -30.55 24.23
CA CYS C 12 -38.02 -30.54 24.22
C CYS C 12 -37.08 -31.64 24.70
N ASP C 13 -35.83 -31.29 24.89
CA ASP C 13 -34.83 -32.25 25.34
C ASP C 13 -34.40 -31.81 26.73
N ASN C 14 -34.93 -32.48 27.73
CA ASN C 14 -34.74 -32.08 29.13
C ASN C 14 -33.48 -32.75 29.67
N GLY C 15 -32.46 -31.95 30.01
CA GLY C 15 -31.26 -32.46 30.61
C GLY C 15 -31.16 -32.15 32.09
N SER C 16 -30.14 -32.78 32.71
CA SER C 16 -29.79 -32.48 34.09
C SER C 16 -29.37 -31.03 34.25
N GLY C 17 -28.67 -30.49 33.26
CA GLY C 17 -28.16 -29.14 33.43
C GLY C 17 -28.92 -28.13 32.59
N LEU C 18 -29.27 -28.50 31.37
CA LEU C 18 -29.87 -27.54 30.45
C LEU C 18 -31.11 -28.12 29.82
N VAL C 19 -32.12 -27.29 29.72
CA VAL C 19 -33.27 -27.55 28.87
C VAL C 19 -32.90 -27.09 27.46
N LYS C 20 -33.09 -27.95 26.47
CA LYS C 20 -32.95 -27.56 25.06
C LYS C 20 -34.31 -27.73 24.41
N ALA C 21 -34.90 -26.62 23.93
CA ALA C 21 -36.27 -26.67 23.41
C ALA C 21 -36.41 -25.80 22.17
N GLY C 22 -37.36 -26.17 21.30
CA GLY C 22 -37.52 -25.43 20.07
C GLY C 22 -38.52 -26.13 19.18
N PHE C 23 -38.44 -25.83 17.90
CA PHE C 23 -39.45 -26.28 16.93
C PHE C 23 -38.81 -27.30 15.98
N ALA C 24 -39.50 -28.43 15.78
CA ALA C 24 -39.10 -29.38 14.76
C ALA C 24 -38.92 -28.66 13.42
N GLY C 25 -37.86 -29.00 12.70
CA GLY C 25 -37.53 -28.38 11.43
C GLY C 25 -36.48 -27.30 11.51
N ASP C 26 -36.20 -26.81 12.72
CA ASP C 26 -35.09 -25.91 13.01
C ASP C 26 -33.80 -26.69 13.22
N ASP C 27 -32.66 -26.06 12.91
CA ASP C 27 -31.37 -26.71 13.08
C ASP C 27 -30.76 -26.48 14.46
N ALA C 28 -31.43 -25.73 15.31
CA ALA C 28 -30.90 -25.57 16.67
C ALA C 28 -32.08 -25.26 17.57
N PRO C 29 -31.98 -25.56 18.87
CA PRO C 29 -33.08 -25.18 19.77
C PRO C 29 -33.10 -23.68 19.95
N ARG C 30 -34.28 -23.08 19.92
CA ARG C 30 -34.36 -21.65 20.18
C ARG C 30 -34.35 -21.30 21.66
N ALA C 31 -34.59 -22.26 22.57
CA ALA C 31 -34.55 -22.00 23.99
C ALA C 31 -33.52 -22.93 24.64
N VAL C 32 -32.48 -22.37 25.26
CA VAL C 32 -31.50 -23.14 26.03
C VAL C 32 -31.25 -22.40 27.35
N PHE C 33 -31.60 -23.03 28.47
CA PHE C 33 -31.53 -22.32 29.73
C PHE C 33 -31.35 -23.34 30.85
N PRO C 34 -30.87 -22.92 32.02
CA PRO C 34 -30.61 -23.88 33.10
C PRO C 34 -31.88 -24.57 33.61
N SER C 35 -31.75 -25.87 33.86
CA SER C 35 -32.86 -26.70 34.33
C SER C 35 -32.98 -26.63 35.86
N ILE C 36 -33.37 -25.43 36.35
CA ILE C 36 -33.43 -25.13 37.78
C ILE C 36 -34.74 -24.44 38.12
N VAL C 37 -35.21 -24.65 39.34
CA VAL C 37 -36.42 -23.98 39.82
C VAL C 37 -36.27 -23.25 41.16
N TYR C 55 -38.99 -19.24 40.74
CA TYR C 55 -38.18 -18.71 39.63
C TYR C 55 -37.39 -19.78 38.86
N VAL C 56 -37.48 -19.73 37.54
CA VAL C 56 -36.94 -20.75 36.64
C VAL C 56 -35.89 -20.14 35.73
N GLY C 57 -34.80 -20.87 35.50
CA GLY C 57 -33.83 -20.48 34.49
C GLY C 57 -32.90 -19.34 34.82
N ASP C 58 -32.64 -18.48 33.81
CA ASP C 58 -31.68 -17.41 33.97
C ASP C 58 -32.10 -16.40 35.03
N GLU C 59 -33.42 -16.19 35.23
CA GLU C 59 -33.85 -15.37 36.36
C GLU C 59 -33.50 -16.01 37.69
N ALA C 60 -33.43 -17.35 37.74
CA ALA C 60 -33.10 -18.07 38.97
C ALA C 60 -31.62 -17.98 39.25
N GLN C 61 -30.83 -17.86 38.19
CA GLN C 61 -29.39 -17.72 38.32
C GLN C 61 -28.98 -16.32 38.77
N SER C 62 -29.90 -15.36 38.76
CA SER C 62 -29.66 -14.04 39.37
C SER C 62 -30.62 -13.71 40.52
N LEU C 67 -35.45 -18.06 47.05
CA LEU C 67 -35.25 -19.49 47.28
C LEU C 67 -33.81 -19.97 47.10
N THR C 68 -33.69 -21.25 47.46
CA THR C 68 -32.58 -22.11 47.13
C THR C 68 -32.83 -22.72 45.75
N LEU C 69 -31.75 -22.90 44.98
CA LEU C 69 -31.84 -23.48 43.64
C LEU C 69 -31.90 -24.99 43.73
N LYS C 70 -32.87 -25.58 43.04
CA LYS C 70 -33.07 -27.02 42.99
C LYS C 70 -32.95 -27.52 41.55
N TYR C 71 -32.41 -28.74 41.39
CA TYR C 71 -32.35 -29.42 40.10
C TYR C 71 -33.45 -30.47 40.02
N PRO C 72 -34.49 -30.27 39.21
CA PRO C 72 -35.57 -31.27 39.11
C PRO C 72 -35.14 -32.57 38.45
N ILE C 73 -34.14 -32.54 37.58
CA ILE C 73 -33.64 -33.72 36.90
C ILE C 73 -32.28 -34.05 37.50
N GLU C 74 -32.11 -35.26 38.00
CA GLU C 74 -30.85 -35.62 38.60
C GLU C 74 -30.30 -36.86 37.90
N HIC C 75 -29.11 -36.73 37.32
CA HIC C 75 -28.50 -37.81 36.60
C HIC C 75 -29.40 -38.31 35.46
O HIC C 75 -29.53 -39.49 35.13
CB HIC C 75 -28.15 -39.01 37.52
CG HIC C 75 -27.41 -38.62 38.73
ND1 HIC C 75 -27.93 -38.78 40.02
CD2 HIC C 75 -26.11 -38.05 38.81
CE1 HIC C 75 -26.99 -38.33 40.87
NE2 HIC C 75 -25.85 -37.87 40.19
CZ HIC C 75 -24.67 -37.35 40.81
N GLY C 76 -30.07 -37.35 34.82
CA GLY C 76 -30.87 -37.61 33.63
C GLY C 76 -32.31 -38.01 33.90
N ILE C 77 -32.61 -38.35 35.15
CA ILE C 77 -33.93 -38.82 35.56
C ILE C 77 -34.68 -37.72 36.28
N ILE C 78 -35.95 -37.52 35.92
CA ILE C 78 -36.83 -36.59 36.60
C ILE C 78 -37.17 -37.13 37.99
N THR C 79 -36.85 -36.35 39.03
CA THR C 79 -37.13 -36.75 40.40
C THR C 79 -38.06 -35.80 41.16
N ASN C 80 -38.35 -34.62 40.63
CA ASN C 80 -39.24 -33.67 41.29
C ASN C 80 -40.30 -33.23 40.28
N TRP C 81 -41.51 -33.74 40.41
CA TRP C 81 -42.52 -33.53 39.38
C TRP C 81 -43.18 -32.17 39.49
N ASP C 82 -43.27 -31.62 40.70
CA ASP C 82 -43.75 -30.24 40.83
C ASP C 82 -42.82 -29.28 40.10
N ASP C 83 -41.52 -29.45 40.30
CA ASP C 83 -40.58 -28.54 39.68
C ASP C 83 -40.46 -28.80 38.19
N MET C 84 -40.58 -30.06 37.76
CA MET C 84 -40.55 -30.32 36.33
C MET C 84 -41.71 -29.65 35.62
N GLU C 85 -42.89 -29.64 36.26
CA GLU C 85 -44.04 -28.94 35.69
C GLU C 85 -43.72 -27.46 35.47
N LYS C 86 -43.10 -26.83 36.47
CA LYS C 86 -42.82 -25.40 36.33
C LYS C 86 -41.77 -25.16 35.25
N ILE C 87 -40.83 -26.09 35.07
CA ILE C 87 -39.88 -26.03 33.97
C ILE C 87 -40.61 -26.10 32.64
N TRP C 88 -41.52 -27.07 32.50
CA TRP C 88 -42.25 -27.22 31.26
C TRP C 88 -43.15 -26.03 30.99
N HIS C 89 -43.85 -25.57 32.02
CA HIS C 89 -44.63 -24.35 31.87
C HIS C 89 -43.75 -23.21 31.41
N HIS C 90 -42.60 -23.02 32.05
CA HIS C 90 -41.71 -21.94 31.65
C HIS C 90 -41.25 -22.09 30.22
N THR C 91 -41.02 -23.34 29.77
CA THR C 91 -40.58 -23.57 28.40
C THR C 91 -41.67 -23.18 27.40
N PHE C 92 -42.92 -23.62 27.63
CA PHE C 92 -44.00 -23.33 26.69
C PHE C 92 -44.31 -21.84 26.64
N TYR C 93 -44.56 -21.23 27.81
CA TYR C 93 -45.15 -19.89 27.82
C TYR C 93 -44.12 -18.77 27.87
N ASN C 94 -43.03 -18.93 28.62
CA ASN C 94 -42.11 -17.81 28.76
C ASN C 94 -41.01 -17.83 27.73
N GLU C 95 -40.42 -18.99 27.43
CA GLU C 95 -39.31 -19.06 26.48
C GLU C 95 -39.81 -19.20 25.04
N LEU C 96 -40.52 -20.28 24.72
CA LEU C 96 -41.05 -20.45 23.38
C LEU C 96 -42.31 -19.62 23.13
N ARG C 97 -42.97 -19.11 24.18
CA ARG C 97 -44.24 -18.39 24.03
C ARG C 97 -45.19 -19.06 23.09
N VAL C 98 -45.60 -20.27 23.42
CA VAL C 98 -46.43 -21.07 22.52
C VAL C 98 -47.61 -21.57 23.34
N ALA C 99 -48.68 -21.94 22.64
CA ALA C 99 -49.82 -22.60 23.27
C ALA C 99 -49.66 -24.11 23.17
N PRO C 100 -49.32 -24.83 24.26
CA PRO C 100 -49.00 -26.26 24.12
C PRO C 100 -50.15 -27.13 23.60
N GLU C 101 -51.41 -26.73 23.79
CA GLU C 101 -52.52 -27.51 23.25
C GLU C 101 -52.58 -27.48 21.72
N GLU C 102 -51.84 -26.58 21.08
CA GLU C 102 -51.84 -26.48 19.62
C GLU C 102 -50.61 -27.15 18.98
N HIS C 103 -49.82 -27.91 19.73
CA HIS C 103 -48.59 -28.45 19.18
C HIS C 103 -48.29 -29.89 19.59
N PRO C 104 -48.10 -30.79 18.65
CA PRO C 104 -47.49 -32.07 19.00
C PRO C 104 -46.11 -31.85 19.58
N THR C 105 -45.77 -32.62 20.60
CA THR C 105 -44.55 -32.39 21.37
C THR C 105 -43.74 -33.66 21.48
N LEU C 106 -42.52 -33.62 21.00
CA LEU C 106 -41.60 -34.72 21.19
C LEU C 106 -40.78 -34.47 22.47
N LEU C 107 -40.76 -35.43 23.38
CA LEU C 107 -39.94 -35.33 24.59
C LEU C 107 -38.83 -36.35 24.52
N THR C 108 -37.79 -36.11 25.28
CA THR C 108 -36.73 -37.08 25.36
C THR C 108 -36.65 -37.60 26.78
N GLU C 109 -36.03 -38.77 26.92
CA GLU C 109 -35.78 -39.39 28.21
C GLU C 109 -34.42 -40.05 28.23
N ALA C 110 -33.93 -40.27 29.46
CA ALA C 110 -32.67 -40.94 29.72
C ALA C 110 -32.76 -42.45 29.45
N PRO C 111 -31.62 -43.07 29.17
CA PRO C 111 -31.54 -44.53 29.20
C PRO C 111 -31.96 -45.08 30.57
N LEU C 112 -32.54 -46.26 30.57
CA LEU C 112 -32.97 -46.89 31.83
C LEU C 112 -33.95 -46.01 32.60
N ASN C 113 -34.75 -45.22 31.91
CA ASN C 113 -35.79 -44.47 32.58
C ASN C 113 -36.84 -45.43 33.16
N PRO C 114 -37.14 -45.36 34.47
CA PRO C 114 -38.16 -46.26 35.03
C PRO C 114 -39.51 -46.08 34.34
N LYS C 115 -40.28 -47.17 34.28
CA LYS C 115 -41.59 -47.16 33.64
C LYS C 115 -42.53 -46.13 34.27
N ALA C 116 -42.52 -46.01 35.61
CA ALA C 116 -43.42 -45.09 36.28
C ALA C 116 -43.15 -43.64 35.86
N ASN C 117 -41.86 -43.26 35.72
CA ASN C 117 -41.52 -41.91 35.27
C ASN C 117 -42.06 -41.64 33.89
N ARG C 118 -41.93 -42.63 33.02
CA ARG C 118 -42.36 -42.49 31.65
C ARG C 118 -43.88 -42.28 31.55
N GLU C 119 -44.65 -43.00 32.38
CA GLU C 119 -46.09 -42.84 32.42
C GLU C 119 -46.49 -41.47 32.95
N LYS C 120 -45.82 -41.03 34.03
CA LYS C 120 -46.09 -39.74 34.65
C LYS C 120 -45.81 -38.58 33.67
N MET C 121 -44.70 -38.65 32.92
CA MET C 121 -44.43 -37.63 31.91
C MET C 121 -45.58 -37.55 30.91
N THR C 122 -46.09 -38.71 30.49
CA THR C 122 -47.19 -38.73 29.53
C THR C 122 -48.46 -38.13 30.12
N GLN C 123 -48.75 -38.46 31.38
CA GLN C 123 -49.96 -37.94 32.00
C GLN C 123 -49.89 -36.43 32.16
N ILE C 124 -48.72 -35.92 32.51
CA ILE C 124 -48.59 -34.47 32.69
C ILE C 124 -48.79 -33.75 31.36
N MET C 125 -48.17 -34.27 30.30
CA MET C 125 -48.30 -33.65 28.99
C MET C 125 -49.76 -33.61 28.53
N PHE C 126 -50.51 -34.68 28.77
CA PHE C 126 -51.89 -34.67 28.30
C PHE C 126 -52.82 -33.95 29.28
N GLU C 127 -52.75 -34.27 30.57
CA GLU C 127 -53.73 -33.73 31.50
C GLU C 127 -53.39 -32.30 31.93
N THR C 128 -52.11 -31.96 32.11
CA THR C 128 -51.78 -30.62 32.55
C THR C 128 -51.59 -29.65 31.40
N PHE C 129 -50.87 -30.07 30.36
CA PHE C 129 -50.61 -29.15 29.27
C PHE C 129 -51.49 -29.39 28.05
N ASN C 130 -52.26 -30.48 28.01
CA ASN C 130 -53.29 -30.67 26.99
C ASN C 130 -52.71 -30.75 25.57
N VAL C 131 -51.56 -31.42 25.41
CA VAL C 131 -50.95 -31.47 24.07
C VAL C 131 -51.78 -32.36 23.17
N PRO C 132 -51.83 -32.07 21.87
CA PRO C 132 -52.64 -32.91 20.96
C PRO C 132 -52.03 -34.28 20.73
N ALA C 133 -50.70 -34.37 20.73
CA ALA C 133 -50.02 -35.64 20.52
C ALA C 133 -48.61 -35.49 21.10
N MET C 134 -48.00 -36.62 21.41
CA MET C 134 -46.71 -36.57 22.07
C MET C 134 -46.01 -37.88 21.83
N TYR C 135 -44.70 -37.86 22.00
CA TYR C 135 -43.86 -39.04 21.84
C TYR C 135 -42.67 -38.83 22.76
N VAL C 136 -42.12 -39.94 23.27
CA VAL C 136 -40.91 -39.94 24.10
C VAL C 136 -39.89 -40.83 23.42
N ALA C 137 -38.73 -40.26 23.09
CA ALA C 137 -37.63 -40.98 22.49
C ALA C 137 -36.46 -41.00 23.48
N ILE C 138 -35.68 -42.07 23.43
CA ILE C 138 -34.46 -42.14 24.22
C ILE C 138 -33.41 -41.21 23.61
N GLN C 139 -32.79 -40.39 24.46
CA GLN C 139 -31.87 -39.36 23.97
C GLN C 139 -30.80 -39.94 23.06
N ALA C 140 -30.16 -41.03 23.49
CA ALA C 140 -29.03 -41.56 22.74
C ALA C 140 -29.45 -41.98 21.35
N VAL C 141 -30.68 -42.52 21.23
CA VAL C 141 -31.18 -42.99 19.94
C VAL C 141 -31.34 -41.83 18.96
N LEU C 142 -31.79 -40.67 19.44
CA LEU C 142 -31.90 -39.50 18.55
C LEU C 142 -30.53 -39.09 18.01
N SER C 143 -29.50 -39.13 18.87
CA SER C 143 -28.13 -38.83 18.44
C SER C 143 -27.64 -39.82 17.41
N LEU C 144 -27.96 -41.10 17.59
CA LEU C 144 -27.50 -42.09 16.63
C LEU C 144 -28.11 -41.83 15.24
N TYR C 145 -29.43 -41.57 15.19
CA TYR C 145 -30.07 -41.22 13.90
C TYR C 145 -29.44 -39.97 13.27
N ALA C 146 -29.14 -38.96 14.09
CA ALA C 146 -28.54 -37.75 13.52
C ALA C 146 -27.17 -38.05 12.92
N SER C 147 -26.52 -39.10 13.37
CA SER C 147 -25.23 -39.47 12.83
C SER C 147 -25.37 -40.36 11.61
N GLY C 148 -26.59 -40.71 11.22
CA GLY C 148 -26.81 -41.52 10.05
C GLY C 148 -26.75 -43.01 10.29
N ARG C 149 -26.99 -43.47 11.53
CA ARG C 149 -26.88 -44.87 11.85
C ARG C 149 -28.10 -45.38 12.59
N THR C 150 -28.36 -46.69 12.48
CA THR C 150 -29.38 -47.35 13.28
C THR C 150 -28.78 -48.36 14.22
N THR C 151 -27.47 -48.65 14.09
CA THR C 151 -26.74 -49.55 14.96
C THR C 151 -25.42 -48.88 15.31
N GLY C 152 -25.02 -48.97 16.57
CA GLY C 152 -23.83 -48.29 17.06
C GLY C 152 -23.95 -48.16 18.57
N ILE C 153 -22.90 -47.61 19.19
CA ILE C 153 -22.92 -47.38 20.63
C ILE C 153 -22.62 -45.90 20.85
N VAL C 154 -23.49 -45.24 21.57
CA VAL C 154 -23.35 -43.82 21.79
C VAL C 154 -22.71 -43.62 23.15
N LEU C 155 -21.77 -42.69 23.22
CA LEU C 155 -21.32 -42.18 24.52
C LEU C 155 -22.01 -40.83 24.71
N ASP C 156 -22.91 -40.75 25.68
CA ASP C 156 -23.67 -39.52 25.93
C ASP C 156 -23.23 -38.94 27.26
N SER C 157 -22.61 -37.77 27.23
CA SER C 157 -22.07 -37.17 28.44
C SER C 157 -22.55 -35.72 28.52
N GLY C 158 -23.38 -35.41 29.50
CA GLY C 158 -23.92 -34.07 29.56
C GLY C 158 -23.44 -33.37 30.81
N ASP C 159 -24.35 -32.86 31.62
CA ASP C 159 -23.96 -32.10 32.80
C ASP C 159 -24.04 -32.94 34.07
N GLY C 160 -24.93 -33.93 34.09
CA GLY C 160 -25.21 -34.67 35.30
C GLY C 160 -24.86 -36.14 35.20
N VAL C 161 -24.85 -36.71 34.00
CA VAL C 161 -24.70 -38.16 33.88
C VAL C 161 -24.01 -38.47 32.56
N THR C 162 -23.30 -39.57 32.53
CA THR C 162 -22.70 -40.12 31.32
C THR C 162 -23.21 -41.54 31.10
N HIS C 163 -23.70 -41.84 29.88
CA HIS C 163 -24.13 -43.19 29.54
C HIS C 163 -23.38 -43.73 28.33
N ASN C 164 -23.17 -45.05 28.33
CA ASN C 164 -22.88 -45.80 27.11
C ASN C 164 -24.16 -46.54 26.74
N VAL C 165 -24.64 -46.30 25.52
CA VAL C 165 -25.89 -46.88 25.06
C VAL C 165 -25.64 -47.65 23.76
N PRO C 166 -25.54 -48.96 23.81
CA PRO C 166 -25.50 -49.73 22.57
C PRO C 166 -26.90 -49.80 21.95
N ILE C 167 -26.97 -49.64 20.63
CA ILE C 167 -28.24 -49.60 19.94
C ILE C 167 -28.18 -50.52 18.74
N TYR C 168 -29.22 -51.34 18.58
CA TYR C 168 -29.35 -52.28 17.48
C TYR C 168 -30.62 -51.95 16.70
N GLU C 169 -30.46 -51.54 15.43
CA GLU C 169 -31.56 -51.22 14.51
C GLU C 169 -32.65 -50.38 15.16
N GLY C 170 -32.22 -49.29 15.80
CA GLY C 170 -33.12 -48.29 16.38
C GLY C 170 -33.54 -48.53 17.83
N TYR C 171 -33.08 -49.63 18.48
CA TYR C 171 -33.52 -49.96 19.82
C TYR C 171 -32.32 -50.07 20.77
N ALA C 172 -32.39 -49.36 21.88
CA ALA C 172 -31.33 -49.46 22.87
C ALA C 172 -31.40 -50.82 23.54
N LEU C 173 -30.23 -51.34 23.90
CA LEU C 173 -30.16 -52.66 24.50
C LEU C 173 -30.03 -52.49 26.00
N PRO C 174 -31.13 -52.58 26.76
CA PRO C 174 -31.07 -52.16 28.16
C PRO C 174 -30.12 -52.96 29.01
N HIS C 175 -29.95 -54.27 28.73
CA HIS C 175 -29.07 -55.08 29.57
C HIS C 175 -27.61 -54.65 29.44
N ALA C 176 -27.26 -53.91 28.41
CA ALA C 176 -25.88 -53.51 28.17
C ALA C 176 -25.64 -52.02 28.37
N ILE C 177 -26.64 -51.26 28.82
CA ILE C 177 -26.43 -49.84 29.06
C ILE C 177 -25.56 -49.70 30.31
N MET C 178 -24.57 -48.79 30.24
CA MET C 178 -23.71 -48.45 31.38
C MET C 178 -23.98 -46.99 31.73
N ARG C 179 -23.94 -46.69 33.03
CA ARG C 179 -24.17 -45.35 33.56
C ARG C 179 -23.04 -44.95 34.51
N LEU C 180 -22.49 -43.78 34.28
CA LEU C 180 -21.43 -43.23 35.11
C LEU C 180 -21.94 -41.89 35.62
N ASP C 181 -22.10 -41.78 36.93
CA ASP C 181 -22.63 -40.56 37.55
C ASP C 181 -21.53 -39.51 37.69
N LEU C 182 -20.88 -39.19 36.58
CA LEU C 182 -19.80 -38.22 36.49
C LEU C 182 -19.96 -37.52 35.17
N ALA C 183 -20.13 -36.20 35.18
CA ALA C 183 -20.25 -35.46 33.91
C ALA C 183 -19.78 -34.02 34.07
N GLY C 184 -20.31 -33.07 33.26
CA GLY C 184 -19.74 -31.73 33.19
C GLY C 184 -19.78 -30.96 34.51
N ARG C 185 -20.87 -31.10 35.25
CA ARG C 185 -21.02 -30.57 36.61
C ARG C 185 -19.86 -30.96 37.56
N ASP C 186 -19.48 -32.24 37.54
CA ASP C 186 -18.39 -32.68 38.41
C ASP C 186 -17.05 -32.14 37.92
N LEU C 187 -16.87 -32.00 36.59
CA LEU C 187 -15.64 -31.42 36.05
C LEU C 187 -15.52 -29.94 36.39
N THR C 188 -16.62 -29.19 36.26
CA THR C 188 -16.63 -27.80 36.68
C THR C 188 -16.26 -27.69 38.17
N ASP C 189 -16.87 -28.54 39.01
CA ASP C 189 -16.58 -28.52 40.46
C ASP C 189 -15.12 -28.87 40.75
N TYR C 190 -14.57 -29.85 40.02
CA TYR C 190 -13.16 -30.17 40.25
C TYR C 190 -12.27 -29.00 39.82
N LEU C 191 -12.58 -28.37 38.70
CA LEU C 191 -11.80 -27.18 38.32
C LEU C 191 -11.96 -26.06 39.34
N MET C 192 -13.16 -25.84 39.86
CA MET C 192 -13.33 -24.82 40.88
C MET C 192 -12.55 -25.18 42.13
N LYS C 193 -12.47 -26.48 42.45
CA LYS C 193 -11.71 -26.90 43.63
C LYS C 193 -10.21 -26.64 43.44
N ILE C 194 -9.67 -26.99 42.28
CA ILE C 194 -8.23 -26.80 42.22
C ILE C 194 -7.89 -25.31 42.06
N LEU C 195 -8.74 -24.52 41.40
CA LEU C 195 -8.45 -23.09 41.32
C LEU C 195 -8.57 -22.43 42.69
N THR C 196 -9.54 -22.89 43.49
CA THR C 196 -9.65 -22.35 44.84
C THR C 196 -8.39 -22.67 45.65
N GLU C 197 -7.80 -23.84 45.44
CA GLU C 197 -6.59 -24.18 46.17
C GLU C 197 -5.40 -23.33 45.75
N ARG C 198 -5.35 -22.86 44.50
CA ARG C 198 -4.28 -21.95 44.10
C ARG C 198 -4.44 -20.54 44.65
N GLY C 199 -5.55 -20.26 45.34
CA GLY C 199 -5.77 -18.94 45.89
C GLY C 199 -6.79 -18.07 45.17
N TYR C 200 -7.65 -18.64 44.35
CA TYR C 200 -8.73 -17.88 43.75
C TYR C 200 -10.04 -18.18 44.50
N SER C 201 -11.01 -17.28 44.37
CA SER C 201 -12.29 -17.50 45.05
C SER C 201 -13.45 -17.26 44.09
N PHE C 202 -14.37 -18.23 44.03
CA PHE C 202 -15.57 -18.17 43.20
C PHE C 202 -16.75 -18.50 44.10
N VAL C 203 -17.53 -17.47 44.44
CA VAL C 203 -18.69 -17.62 45.31
C VAL C 203 -19.95 -17.09 44.63
N THR C 204 -19.85 -15.93 43.97
CA THR C 204 -21.05 -15.34 43.35
C THR C 204 -21.51 -16.21 42.16
N THR C 205 -22.76 -15.95 41.72
CA THR C 205 -23.29 -16.59 40.52
C THR C 205 -22.34 -16.42 39.35
N ALA C 206 -21.98 -15.17 39.06
CA ALA C 206 -21.03 -14.86 38.01
C ALA C 206 -19.82 -15.76 38.17
N GLU C 207 -19.29 -15.86 39.40
CA GLU C 207 -17.96 -16.44 39.59
C GLU C 207 -17.95 -17.94 39.30
N ARG C 208 -18.93 -18.69 39.80
CA ARG C 208 -18.93 -20.11 39.46
C ARG C 208 -19.24 -20.35 37.97
N GLU C 209 -20.03 -19.49 37.35
CA GLU C 209 -20.15 -19.60 35.92
C GLU C 209 -18.86 -19.19 35.19
N ILE C 210 -17.99 -18.36 35.80
CA ILE C 210 -16.67 -18.12 35.21
C ILE C 210 -15.91 -19.43 35.09
N VAL C 211 -15.93 -20.25 36.15
CA VAL C 211 -15.17 -21.49 36.11
C VAL C 211 -15.67 -22.39 35.00
N ARG C 212 -16.99 -22.49 34.84
CA ARG C 212 -17.51 -23.29 33.74
C ARG C 212 -17.05 -22.74 32.40
N ASP C 213 -16.99 -21.41 32.28
CA ASP C 213 -16.53 -20.81 31.02
C ASP C 213 -15.06 -21.10 30.78
N ILE C 214 -14.26 -21.02 31.85
CA ILE C 214 -12.86 -21.43 31.76
C ILE C 214 -12.76 -22.86 31.30
N LYS C 215 -13.57 -23.75 31.88
CA LYS C 215 -13.50 -25.17 31.51
C LYS C 215 -13.79 -25.37 30.02
N GLU C 216 -14.85 -24.72 29.53
CA GLU C 216 -15.28 -24.94 28.16
C GLU C 216 -14.32 -24.30 27.15
N LYS C 217 -13.62 -23.23 27.52
CA LYS C 217 -12.73 -22.59 26.57
C LYS C 217 -11.32 -23.18 26.57
N LEU C 218 -10.82 -23.65 27.71
CA LEU C 218 -9.40 -23.92 27.83
C LEU C 218 -9.04 -25.35 28.12
N CYS C 219 -10.00 -26.18 28.55
CA CYS C 219 -9.68 -27.55 28.92
C CYS C 219 -9.62 -28.48 27.71
N TYR C 220 -8.85 -29.56 27.80
CA TYR C 220 -8.76 -30.50 26.68
C TYR C 220 -8.28 -31.84 27.20
N VAL C 221 -8.44 -32.90 26.40
CA VAL C 221 -8.06 -34.25 26.81
C VAL C 221 -6.68 -34.59 26.25
N ALA C 222 -5.74 -34.89 27.13
CA ALA C 222 -4.40 -35.27 26.68
C ALA C 222 -4.44 -36.63 26.01
N LEU C 223 -3.66 -36.78 24.93
CA LEU C 223 -3.55 -38.10 24.31
C LEU C 223 -2.80 -39.08 25.22
N ASP C 224 -1.73 -38.61 25.86
CA ASP C 224 -0.97 -39.40 26.84
C ASP C 224 -0.81 -38.54 28.08
N PHE C 225 -1.51 -38.93 29.16
CA PHE C 225 -1.58 -38.05 30.32
C PHE C 225 -0.21 -37.87 30.95
N GLU C 226 0.53 -38.96 31.09
CA GLU C 226 1.85 -38.86 31.72
C GLU C 226 2.76 -37.95 30.92
N ASN C 227 2.76 -38.11 29.59
CA ASN C 227 3.61 -37.25 28.77
C ASN C 227 3.21 -35.79 28.88
N GLU C 228 1.89 -35.53 28.92
CA GLU C 228 1.44 -34.16 28.98
C GLU C 228 1.85 -33.50 30.32
N MET C 229 1.77 -34.23 31.44
CA MET C 229 2.24 -33.66 32.70
C MET C 229 3.72 -33.29 32.59
N ALA C 230 4.51 -34.16 31.95
CA ALA C 230 5.94 -33.87 31.83
C ALA C 230 6.14 -32.60 31.01
N THR C 231 5.37 -32.45 29.94
CA THR C 231 5.44 -31.26 29.11
C THR C 231 5.07 -30.02 29.91
N ALA C 232 3.96 -30.06 30.66
CA ALA C 232 3.60 -28.88 31.47
C ALA C 232 4.65 -28.59 32.54
N ALA C 233 5.38 -29.61 32.99
CA ALA C 233 6.37 -29.37 34.03
C ALA C 233 7.64 -28.68 33.53
N SER C 234 7.93 -28.77 32.21
CA SER C 234 9.22 -28.34 31.70
C SER C 234 9.15 -27.18 30.71
N SER C 235 7.97 -26.65 30.41
CA SER C 235 7.90 -25.49 29.55
C SER C 235 6.59 -24.79 29.82
N SER C 236 6.45 -23.59 29.27
CA SER C 236 5.20 -22.87 29.39
C SER C 236 4.33 -22.99 28.13
N SER C 237 4.59 -23.98 27.28
CA SER C 237 3.87 -24.02 26.03
C SER C 237 2.40 -24.42 26.20
N LEU C 238 2.00 -24.97 27.35
CA LEU C 238 0.62 -25.36 27.56
C LEU C 238 -0.15 -24.36 28.41
N GLU C 239 0.46 -23.23 28.71
CA GLU C 239 -0.09 -22.23 29.61
C GLU C 239 -1.03 -21.31 28.86
N LYS C 240 -2.15 -20.98 29.47
CA LYS C 240 -3.17 -20.15 28.85
C LYS C 240 -3.65 -19.19 29.92
N SER C 241 -3.94 -17.96 29.51
CA SER C 241 -4.49 -16.97 30.40
C SER C 241 -5.97 -16.80 30.10
N TYR C 242 -6.70 -16.34 31.12
CA TYR C 242 -8.13 -16.08 31.00
C TYR C 242 -8.38 -14.80 31.79
N GLU C 243 -8.96 -13.80 31.14
CA GLU C 243 -9.20 -12.49 31.74
C GLU C 243 -10.60 -12.39 32.30
N LEU C 244 -10.74 -11.90 33.54
CA LEU C 244 -12.13 -11.67 33.98
C LEU C 244 -12.62 -10.31 33.43
N PRO C 245 -13.93 -10.01 33.56
CA PRO C 245 -14.50 -8.84 32.86
C PRO C 245 -13.88 -7.49 33.22
N ASP C 246 -13.24 -7.39 34.37
CA ASP C 246 -12.56 -6.18 34.81
C ASP C 246 -11.17 -6.01 34.18
N GLY C 247 -10.60 -7.07 33.63
CA GLY C 247 -9.24 -7.06 33.10
C GLY C 247 -8.24 -7.90 33.87
N GLN C 248 -8.63 -8.44 35.03
CA GLN C 248 -7.74 -9.28 35.85
C GLN C 248 -7.58 -10.69 35.26
N VAL C 249 -6.36 -11.22 35.33
CA VAL C 249 -5.98 -12.41 34.57
C VAL C 249 -5.70 -13.59 35.49
N ILE C 250 -6.20 -14.75 35.11
CA ILE C 250 -5.87 -16.00 35.76
C ILE C 250 -5.21 -16.88 34.71
N THR C 251 -4.21 -17.65 35.12
CA THR C 251 -3.44 -18.50 34.22
C THR C 251 -3.52 -19.95 34.68
N ILE C 252 -3.71 -20.87 33.73
CA ILE C 252 -3.68 -22.29 34.04
C ILE C 252 -2.84 -23.03 33.01
N GLY C 253 -2.28 -24.15 33.43
CA GLY C 253 -1.48 -25.01 32.58
C GLY C 253 -1.99 -26.43 32.69
N ASN C 254 -1.42 -27.25 33.60
CA ASN C 254 -1.82 -28.65 33.61
C ASN C 254 -3.25 -28.82 34.09
N GLU C 255 -3.82 -27.84 34.79
CA GLU C 255 -5.26 -27.84 35.09
C GLU C 255 -6.08 -28.01 33.82
N ARG C 256 -5.58 -27.51 32.68
CA ARG C 256 -6.37 -27.61 31.45
C ARG C 256 -6.71 -29.04 31.12
N PHE C 257 -5.77 -29.98 31.35
CA PHE C 257 -6.06 -31.36 31.00
C PHE C 257 -6.23 -32.27 32.19
N ARG C 258 -5.82 -31.85 33.39
CA ARG C 258 -6.11 -32.65 34.58
C ARG C 258 -7.62 -32.76 34.80
N CYS C 259 -8.34 -31.67 34.52
CA CYS C 259 -9.77 -31.63 34.80
C CYS C 259 -10.55 -32.63 33.97
N PRO C 260 -10.52 -32.61 32.64
CA PRO C 260 -11.26 -33.67 31.90
C PRO C 260 -10.59 -35.03 31.97
N GLU C 261 -9.33 -35.14 32.42
CA GLU C 261 -8.75 -36.45 32.63
C GLU C 261 -9.57 -37.28 33.63
N THR C 262 -10.35 -36.62 34.49
CA THR C 262 -11.23 -37.31 35.44
C THR C 262 -12.16 -38.30 34.75
N LEU C 263 -12.57 -38.03 33.49
CA LEU C 263 -13.44 -38.95 32.77
C LEU C 263 -12.79 -40.30 32.54
N PHE C 264 -11.47 -40.34 32.36
CA PHE C 264 -10.73 -41.58 32.17
C PHE C 264 -10.19 -42.12 33.49
N GLN C 265 -10.01 -41.27 34.49
CA GLN C 265 -9.59 -41.66 35.85
C GLN C 265 -10.49 -41.01 36.88
N PRO C 266 -11.66 -41.59 37.16
CA PRO C 266 -12.57 -40.98 38.14
C PRO C 266 -12.00 -40.91 39.55
N SER C 267 -10.87 -41.58 39.84
CA SER C 267 -10.25 -41.42 41.15
C SER C 267 -9.70 -40.02 41.38
N PHE C 268 -9.50 -39.22 40.31
CA PHE C 268 -9.08 -37.82 40.50
C PHE C 268 -10.05 -37.05 41.38
N ILE C 269 -11.34 -37.40 41.34
CA ILE C 269 -12.32 -36.79 42.23
C ILE C 269 -12.80 -37.79 43.30
N GLY C 270 -12.02 -38.86 43.53
CA GLY C 270 -12.31 -39.79 44.60
C GLY C 270 -13.38 -40.83 44.36
N MET C 271 -13.67 -41.18 43.09
CA MET C 271 -14.60 -42.23 42.71
C MET C 271 -13.88 -43.53 42.40
N GLU C 272 -14.15 -44.65 43.11
CA GLU C 272 -13.60 -45.74 42.30
C GLU C 272 -14.72 -46.09 41.33
N SER C 273 -14.45 -45.98 40.06
CA SER C 273 -15.35 -46.58 39.09
C SER C 273 -14.51 -46.57 37.82
N ALA C 274 -14.92 -47.36 36.83
CA ALA C 274 -14.20 -47.39 35.59
C ALA C 274 -14.33 -46.04 34.91
N GLY C 275 -13.29 -45.67 34.15
CA GLY C 275 -13.37 -44.50 33.28
C GLY C 275 -14.23 -44.76 32.04
N ILE C 276 -14.51 -43.69 31.28
CA ILE C 276 -15.45 -43.83 30.15
C ILE C 276 -14.90 -44.74 29.05
N HIS C 277 -13.58 -44.92 28.94
CA HIS C 277 -13.09 -45.88 27.93
C HIS C 277 -13.40 -47.29 28.37
N GLU C 278 -13.32 -47.57 29.67
CA GLU C 278 -13.61 -48.90 30.14
C GLU C 278 -15.10 -49.19 30.16
N THR C 279 -15.93 -48.20 30.49
CA THR C 279 -17.36 -48.48 30.44
C THR C 279 -17.83 -48.66 28.98
N THR C 280 -17.25 -47.95 28.02
CA THR C 280 -17.53 -48.22 26.60
C THR C 280 -17.20 -49.66 26.26
N TYR C 281 -15.99 -50.07 26.64
CA TYR C 281 -15.54 -51.41 26.35
C TYR C 281 -16.45 -52.45 27.01
N ASN C 282 -16.74 -52.27 28.30
CA ASN C 282 -17.62 -53.19 29.01
C ASN C 282 -19.00 -53.25 28.35
N SER C 283 -19.55 -52.09 27.97
CA SER C 283 -20.84 -52.09 27.30
C SER C 283 -20.81 -52.93 26.01
N ILE C 284 -19.81 -52.72 25.16
CA ILE C 284 -19.71 -53.46 23.92
C ILE C 284 -19.61 -54.94 24.19
N MET C 285 -18.88 -55.31 25.26
CA MET C 285 -18.68 -56.69 25.64
C MET C 285 -19.92 -57.32 26.27
N LYS C 286 -20.90 -56.53 26.72
CA LYS C 286 -22.14 -57.12 27.18
C LYS C 286 -23.07 -57.46 26.04
N CYS C 287 -22.74 -57.08 24.80
CA CYS C 287 -23.61 -57.30 23.66
C CYS C 287 -23.26 -58.58 22.91
N ASP C 288 -24.26 -59.09 22.19
CA ASP C 288 -24.10 -60.24 21.30
C ASP C 288 -22.85 -60.10 20.43
N ILE C 289 -22.03 -61.16 20.39
CA ILE C 289 -20.84 -61.22 19.53
C ILE C 289 -21.20 -60.92 18.09
N ASP C 290 -22.45 -61.16 17.70
CA ASP C 290 -22.84 -60.92 16.31
C ASP C 290 -22.66 -59.45 15.93
N ILE C 291 -22.92 -58.52 16.86
CA ILE C 291 -22.87 -57.12 16.51
C ILE C 291 -21.63 -56.42 17.02
N ARG C 292 -20.71 -57.13 17.69
CA ARG C 292 -19.57 -56.46 18.32
C ARG C 292 -18.76 -55.66 17.32
N LYS C 293 -18.50 -56.22 16.15
CA LYS C 293 -17.69 -55.50 15.17
C LYS C 293 -18.37 -54.19 14.76
N ASP C 294 -19.69 -54.21 14.59
CA ASP C 294 -20.41 -52.99 14.23
C ASP C 294 -20.38 -51.97 15.35
N LEU C 295 -20.44 -52.40 16.62
CA LEU C 295 -20.37 -51.42 17.71
C LEU C 295 -19.00 -50.74 17.72
N TYR C 296 -17.90 -51.53 17.63
CA TYR C 296 -16.55 -50.99 17.64
C TYR C 296 -16.33 -49.98 16.52
N ALA C 297 -16.92 -50.23 15.35
CA ALA C 297 -16.71 -49.36 14.23
C ALA C 297 -17.68 -48.19 14.22
N ASN C 298 -18.57 -48.10 15.21
CA ASN C 298 -19.64 -47.11 15.20
C ASN C 298 -19.92 -46.54 16.60
N ASN C 299 -18.88 -45.98 17.22
CA ASN C 299 -18.96 -45.27 18.50
CA ASN C 299 -18.99 -45.29 18.50
C ASN C 299 -19.29 -43.81 18.26
N VAL C 300 -20.45 -43.35 18.65
CA VAL C 300 -20.84 -41.95 18.39
C VAL C 300 -20.88 -41.18 19.69
N MET C 301 -20.23 -40.02 19.73
CA MET C 301 -20.18 -39.16 20.91
C MET C 301 -21.26 -38.07 20.85
N SER C 302 -21.98 -37.87 21.95
CA SER C 302 -22.97 -36.79 22.02
CA SER C 302 -23.01 -36.83 22.03
C SER C 302 -23.01 -36.17 23.40
N GLY C 303 -23.41 -34.91 23.44
CA GLY C 303 -23.52 -34.20 24.70
C GLY C 303 -22.34 -33.26 24.89
N GLY C 304 -22.55 -32.25 25.73
CA GLY C 304 -21.59 -31.17 25.84
C GLY C 304 -20.26 -31.62 26.41
N THR C 305 -20.27 -32.62 27.30
CA THR C 305 -19.02 -33.03 27.91
C THR C 305 -18.17 -33.84 26.95
N THR C 306 -18.66 -34.20 25.75
CA THR C 306 -17.78 -34.80 24.75
C THR C 306 -17.13 -33.77 23.83
N MET C 307 -17.29 -32.47 24.14
CA MET C 307 -16.79 -31.41 23.26
C MET C 307 -15.31 -31.12 23.44
N TYR C 308 -14.65 -31.67 24.45
CA TYR C 308 -13.24 -31.37 24.69
C TYR C 308 -12.39 -31.70 23.46
N PRO C 309 -11.50 -30.81 23.03
CA PRO C 309 -10.45 -31.18 22.08
C PRO C 309 -9.69 -32.40 22.58
N GLY C 310 -9.36 -33.32 21.66
CA GLY C 310 -8.57 -34.48 22.02
C GLY C 310 -9.35 -35.69 22.51
N ILE C 311 -10.63 -35.53 22.86
CA ILE C 311 -11.35 -36.62 23.52
C ILE C 311 -11.61 -37.78 22.57
N ALA C 312 -11.95 -37.51 21.31
CA ALA C 312 -12.11 -38.59 20.33
C ALA C 312 -10.79 -39.33 20.06
N ASP C 313 -9.66 -38.62 19.90
CA ASP C 313 -8.38 -39.32 19.70
C ASP C 313 -8.02 -40.19 20.91
N ARG C 314 -8.18 -39.66 22.10
CA ARG C 314 -7.89 -40.44 23.29
C ARG C 314 -8.78 -41.67 23.38
N MET C 315 -10.07 -41.51 23.13
CA MET C 315 -10.98 -42.64 23.16
CA MET C 315 -10.97 -42.64 23.15
C MET C 315 -10.53 -43.72 22.15
N GLN C 316 -10.09 -43.29 20.95
CA GLN C 316 -9.60 -44.25 19.96
C GLN C 316 -8.38 -45.00 20.48
N LYS C 317 -7.44 -44.28 21.08
CA LYS C 317 -6.27 -44.95 21.62
C LYS C 317 -6.64 -45.91 22.75
N GLU C 318 -7.48 -45.47 23.71
CA GLU C 318 -7.77 -46.35 24.84
C GLU C 318 -8.60 -47.56 24.42
N ILE C 319 -9.60 -47.40 23.57
CA ILE C 319 -10.36 -48.56 23.11
C ILE C 319 -9.46 -49.51 22.32
N THR C 320 -8.59 -48.97 21.46
CA THR C 320 -7.63 -49.81 20.75
C THR C 320 -6.82 -50.70 21.69
N ALA C 321 -6.37 -50.14 22.81
CA ALA C 321 -5.62 -50.94 23.77
C ALA C 321 -6.46 -52.05 24.39
N LEU C 322 -7.75 -51.84 24.54
CA LEU C 322 -8.58 -52.84 25.19
C LEU C 322 -9.08 -53.92 24.23
N ALA C 323 -9.30 -53.61 22.96
CA ALA C 323 -9.96 -54.52 22.01
C ALA C 323 -8.97 -55.54 21.43
N PRO C 324 -9.47 -56.57 20.73
CA PRO C 324 -8.56 -57.44 19.96
C PRO C 324 -7.78 -56.62 18.96
N SER C 325 -6.52 -57.02 18.75
CA SER C 325 -5.60 -56.23 17.93
C SER C 325 -6.07 -56.09 16.49
N THR C 326 -6.85 -57.05 16.02
CA THR C 326 -7.37 -57.00 14.67
C THR C 326 -8.57 -56.05 14.50
N MET C 327 -9.19 -55.58 15.58
CA MET C 327 -10.50 -54.91 15.51
C MET C 327 -10.39 -53.51 14.90
N LYS C 328 -11.33 -53.21 13.99
CA LYS C 328 -11.44 -51.87 13.40
C LYS C 328 -12.28 -51.00 14.33
N ILE C 329 -11.68 -49.91 14.81
CA ILE C 329 -12.28 -49.02 15.80
C ILE C 329 -12.50 -47.67 15.15
N LYS C 330 -13.66 -47.08 15.34
CA LYS C 330 -13.82 -45.70 14.93
C LYS C 330 -14.70 -44.93 15.87
N ILE C 331 -14.28 -43.72 16.18
CA ILE C 331 -15.00 -42.81 17.05
C ILE C 331 -15.59 -41.72 16.16
N ILE C 332 -16.90 -41.54 16.22
CA ILE C 332 -17.56 -40.50 15.43
C ILE C 332 -17.92 -39.36 16.36
N ALA C 333 -17.44 -38.16 16.03
CA ALA C 333 -17.57 -36.98 16.89
C ALA C 333 -18.10 -35.80 16.11
N PRO C 334 -19.39 -35.75 15.80
CA PRO C 334 -19.89 -34.67 14.96
C PRO C 334 -19.61 -33.32 15.60
N PRO C 335 -19.34 -32.31 14.78
CA PRO C 335 -19.07 -30.98 15.37
C PRO C 335 -20.28 -30.36 16.08
N GLU C 336 -21.52 -30.73 15.72
CA GLU C 336 -22.71 -30.21 16.36
C GLU C 336 -23.15 -31.02 17.59
N ARG C 337 -22.32 -31.94 18.12
CA ARG C 337 -22.81 -32.96 19.04
C ARG C 337 -23.23 -32.40 20.38
N LYS C 338 -22.93 -31.16 20.70
CA LYS C 338 -23.51 -30.62 21.92
C LYS C 338 -25.04 -30.54 21.83
N TYR C 339 -25.61 -30.53 20.61
CA TYR C 339 -27.06 -30.49 20.42
C TYR C 339 -27.55 -31.68 19.60
N SER C 340 -26.77 -32.77 19.55
CA SER C 340 -27.18 -33.90 18.73
C SER C 340 -28.53 -34.46 19.14
N VAL C 341 -28.75 -34.63 20.43
CA VAL C 341 -30.03 -35.17 20.86
C VAL C 341 -31.15 -34.28 20.34
N TRP C 342 -31.09 -32.99 20.62
CA TRP C 342 -32.17 -32.14 20.15
C TRP C 342 -32.24 -32.13 18.61
N ILE C 343 -31.09 -32.12 17.92
CA ILE C 343 -31.13 -32.04 16.45
C ILE C 343 -31.75 -33.30 15.88
N GLY C 344 -31.40 -34.47 16.41
CA GLY C 344 -32.07 -35.68 15.99
C GLY C 344 -33.56 -35.64 16.23
N GLY C 345 -33.98 -35.14 17.40
CA GLY C 345 -35.40 -34.96 17.62
C GLY C 345 -36.04 -34.04 16.58
N SER C 346 -35.34 -32.96 16.22
CA SER C 346 -35.92 -31.98 15.29
C SER C 346 -36.07 -32.57 13.88
N ILE C 347 -35.11 -33.39 13.46
CA ILE C 347 -35.22 -34.07 12.17
C ILE C 347 -36.36 -35.07 12.16
N LEU C 348 -36.39 -35.98 13.15
CA LEU C 348 -37.37 -37.05 13.10
C LEU C 348 -38.79 -36.51 13.33
N ALA C 349 -38.96 -35.56 14.25
CA ALA C 349 -40.27 -34.96 14.47
C ALA C 349 -40.79 -34.21 13.24
N SER C 350 -39.95 -33.94 12.22
CA SER C 350 -40.41 -33.31 11.00
C SER C 350 -40.88 -34.32 9.96
N LEU C 351 -40.72 -35.63 10.20
CA LEU C 351 -40.96 -36.62 9.16
C LEU C 351 -42.33 -37.26 9.39
N SER C 352 -43.19 -37.20 8.37
CA SER C 352 -44.53 -37.76 8.54
C SER C 352 -44.46 -39.21 8.98
N THR C 353 -43.56 -40.01 8.38
CA THR C 353 -43.40 -41.42 8.77
C THR C 353 -43.18 -41.56 10.28
N PHE C 354 -42.51 -40.59 10.92
CA PHE C 354 -42.22 -40.68 12.35
C PHE C 354 -43.40 -40.24 13.19
N GLN C 355 -44.05 -39.14 12.79
CA GLN C 355 -45.22 -38.62 13.47
C GLN C 355 -46.39 -39.62 13.46
N GLN C 356 -46.44 -40.57 12.53
CA GLN C 356 -47.52 -41.57 12.55
C GLN C 356 -47.54 -42.35 13.86
N MET C 357 -46.38 -42.52 14.52
CA MET C 357 -46.27 -43.35 15.71
C MET C 357 -46.63 -42.63 16.99
N TRP C 358 -46.88 -41.32 16.94
CA TRP C 358 -47.03 -40.57 18.19
C TRP C 358 -48.34 -40.93 18.88
N ILE C 359 -48.40 -40.65 20.18
CA ILE C 359 -49.60 -40.91 20.97
C ILE C 359 -50.58 -39.78 20.73
N THR C 360 -51.78 -40.11 20.25
CA THR C 360 -52.80 -39.10 20.07
C THR C 360 -53.58 -38.91 21.36
N LYS C 361 -54.03 -37.66 21.58
CA LYS C 361 -54.82 -37.35 22.77
C LYS C 361 -56.04 -38.24 22.87
N GLN C 362 -56.63 -38.59 21.73
CA GLN C 362 -57.73 -39.55 21.77
C GLN C 362 -57.24 -40.90 22.27
N GLU C 363 -56.05 -41.33 21.82
CA GLU C 363 -55.50 -42.60 22.30
C GLU C 363 -55.24 -42.57 23.80
N TYR C 364 -54.83 -41.43 24.34
CA TYR C 364 -54.57 -41.35 25.77
C TYR C 364 -55.86 -41.45 26.58
N ASP C 365 -56.89 -40.70 26.19
CA ASP C 365 -58.16 -40.79 26.92
C ASP C 365 -58.73 -42.21 26.90
N GLU C 366 -58.58 -42.91 25.76
CA GLU C 366 -59.08 -44.26 25.57
C GLU C 366 -58.24 -45.33 26.25
N ALA C 367 -56.98 -45.04 26.62
CA ALA C 367 -56.08 -46.07 27.14
C ALA C 367 -55.32 -45.70 28.41
N GLY C 368 -55.19 -44.42 28.75
CA GLY C 368 -54.49 -44.01 29.94
C GLY C 368 -53.00 -43.88 29.72
N PRO C 369 -52.25 -43.54 30.77
CA PRO C 369 -50.81 -43.26 30.60
C PRO C 369 -49.99 -44.45 30.16
N SER C 370 -50.47 -45.69 30.37
CA SER C 370 -49.70 -46.89 30.00
C SER C 370 -49.53 -47.06 28.51
N ILE C 371 -50.28 -46.32 27.70
CA ILE C 371 -50.17 -46.37 26.24
C ILE C 371 -48.71 -46.17 25.83
N VAL C 372 -47.95 -45.41 26.63
CA VAL C 372 -46.53 -45.13 26.43
C VAL C 372 -45.67 -46.38 26.25
N HIS C 373 -45.94 -47.44 26.98
CA HIS C 373 -45.02 -48.53 26.84
C HIS C 373 -45.21 -49.27 25.53
N ARG C 374 -46.43 -49.28 24.99
CA ARG C 374 -46.70 -49.95 23.73
C ARG C 374 -46.35 -49.10 22.50
N LYS C 375 -46.51 -47.77 22.58
CA LYS C 375 -46.27 -46.91 21.42
C LYS C 375 -44.86 -46.35 21.35
N CYS C 376 -44.18 -46.16 22.49
CA CYS C 376 -42.86 -45.49 22.57
C CYS C 376 -41.81 -46.46 23.10
N PHE C 377 -41.07 -47.08 22.21
CA PHE C 377 -39.96 -47.90 22.66
C PHE C 377 -38.76 -47.76 21.72
N MET D 1 -29.91 -54.88 -10.25
CA MET D 1 -31.32 -54.99 -9.92
C MET D 1 -31.62 -54.55 -8.46
N VAL D 2 -30.76 -53.63 -7.96
CA VAL D 2 -30.87 -53.01 -6.65
C VAL D 2 -31.38 -51.57 -6.81
N LYS D 3 -32.15 -51.10 -5.83
CA LYS D 3 -32.79 -49.79 -5.88
C LYS D 3 -31.96 -48.78 -5.11
N VAL D 4 -31.56 -47.68 -5.77
CA VAL D 4 -30.77 -46.62 -5.14
C VAL D 4 -31.64 -45.37 -4.96
N LEU D 5 -31.71 -44.88 -3.73
CA LEU D 5 -32.55 -43.76 -3.36
C LEU D 5 -31.69 -42.60 -2.88
N HIS D 6 -31.99 -41.38 -3.34
CA HIS D 6 -31.19 -40.21 -2.99
C HIS D 6 -31.97 -39.37 -1.99
N VAL D 7 -31.34 -39.00 -0.86
CA VAL D 7 -31.97 -38.07 0.07
C VAL D 7 -31.99 -36.67 -0.52
N GLN D 8 -33.18 -36.07 -0.57
CA GLN D 8 -33.40 -34.71 -1.05
C GLN D 8 -34.28 -33.99 -0.05
N GLY D 9 -33.63 -33.25 0.84
CA GLY D 9 -34.40 -32.65 1.91
C GLY D 9 -35.08 -33.74 2.74
N LYS D 10 -36.36 -33.63 2.81
CA LYS D 10 -37.15 -34.51 3.64
C LYS D 10 -37.64 -35.77 2.88
N LYS D 11 -37.33 -35.88 1.59
CA LYS D 11 -37.80 -36.97 0.75
C LYS D 11 -36.66 -37.86 0.24
N LEU D 12 -37.04 -39.02 -0.28
CA LEU D 12 -36.12 -39.95 -0.91
C LEU D 12 -36.55 -40.07 -2.36
N LYS D 13 -35.66 -39.77 -3.29
CA LYS D 13 -36.01 -39.88 -4.70
C LYS D 13 -35.17 -40.98 -5.29
N GLU D 14 -35.79 -41.86 -6.06
CA GLU D 14 -35.08 -42.95 -6.70
C GLU D 14 -34.22 -42.39 -7.82
N VAL D 15 -33.02 -42.93 -8.01
CA VAL D 15 -32.09 -42.49 -9.06
C VAL D 15 -31.68 -43.71 -9.88
N GLN D 16 -31.20 -43.46 -11.11
CA GLN D 16 -30.82 -44.53 -12.02
C GLN D 16 -29.34 -44.43 -12.34
N SER D 17 -28.75 -45.59 -12.75
CA SER D 17 -27.39 -45.66 -13.26
C SER D 17 -27.24 -44.63 -14.36
N PRO D 18 -26.05 -44.05 -14.60
CA PRO D 18 -24.84 -44.27 -13.78
C PRO D 18 -24.94 -43.50 -12.46
N TYR D 19 -24.49 -44.15 -11.36
CA TYR D 19 -24.57 -43.60 -10.01
C TYR D 19 -23.35 -42.74 -9.74
N ASN D 20 -23.59 -41.47 -9.48
CA ASN D 20 -22.57 -40.49 -9.15
C ASN D 20 -22.99 -39.89 -7.81
N PHE D 21 -22.46 -40.44 -6.72
CA PHE D 21 -22.88 -40.00 -5.39
C PHE D 21 -22.25 -38.65 -5.04
N LEU D 22 -23.09 -37.68 -4.69
CA LEU D 22 -22.61 -36.36 -4.24
C LEU D 22 -22.03 -36.47 -2.85
N ASN D 23 -20.83 -35.92 -2.64
CA ASN D 23 -20.15 -36.15 -1.36
C ASN D 23 -20.78 -35.40 -0.20
N GLY D 24 -21.66 -34.45 -0.47
CA GLY D 24 -22.38 -33.81 0.61
C GLY D 24 -23.74 -34.44 0.90
N ASP D 25 -24.04 -35.58 0.28
CA ASP D 25 -25.39 -36.14 0.36
C ASP D 25 -25.37 -37.57 0.91
N VAL D 26 -26.57 -38.13 1.03
CA VAL D 26 -26.81 -39.43 1.65
C VAL D 26 -27.67 -40.21 0.69
N TYR D 27 -27.32 -41.49 0.48
CA TYR D 27 -28.07 -42.39 -0.38
C TYR D 27 -28.49 -43.64 0.40
N VAL D 28 -29.65 -44.20 0.04
CA VAL D 28 -30.15 -45.42 0.68
C VAL D 28 -30.22 -46.48 -0.41
N ILE D 29 -29.49 -47.57 -0.22
CA ILE D 29 -29.37 -48.60 -1.25
C ILE D 29 -30.17 -49.79 -0.75
N ASP D 30 -31.30 -50.07 -1.41
CA ASP D 30 -32.27 -51.08 -0.98
C ASP D 30 -31.98 -52.38 -1.73
N ASP D 31 -31.40 -53.34 -1.03
CA ASP D 31 -31.08 -54.65 -1.58
C ASP D 31 -31.95 -55.72 -0.92
N SER D 32 -33.22 -55.39 -0.66
CA SER D 32 -34.10 -56.26 0.10
C SER D 32 -35.22 -56.89 -0.72
N LYS D 33 -35.31 -56.58 -2.02
CA LYS D 33 -36.43 -57.00 -2.86
C LYS D 33 -35.93 -57.83 -4.03
N LYS D 34 -36.75 -58.84 -4.41
CA LYS D 34 -36.55 -59.74 -5.54
C LYS D 34 -36.75 -58.96 -6.84
N PRO D 35 -36.52 -59.55 -8.02
CA PRO D 35 -36.74 -58.79 -9.28
C PRO D 35 -38.13 -58.17 -9.42
N ASP D 36 -39.20 -58.90 -9.06
CA ASP D 36 -40.49 -58.25 -8.85
C ASP D 36 -40.53 -57.62 -7.45
N GLY D 37 -41.62 -56.93 -7.15
CA GLY D 37 -41.60 -56.08 -5.95
C GLY D 37 -41.36 -56.80 -4.64
N SER D 38 -41.45 -58.14 -4.61
CA SER D 38 -41.62 -58.88 -3.36
C SER D 38 -40.34 -58.99 -2.53
N ASP D 39 -40.53 -59.09 -1.20
CA ASP D 39 -39.41 -59.20 -0.26
C ASP D 39 -38.53 -60.39 -0.60
N LYS D 40 -37.23 -60.24 -0.43
CA LYS D 40 -36.33 -61.38 -0.58
C LYS D 40 -36.62 -62.39 0.52
N ASP D 41 -36.42 -63.67 0.21
CA ASP D 41 -36.46 -64.69 1.25
C ASP D 41 -35.42 -64.35 2.33
N PRO D 42 -35.73 -64.58 3.62
CA PRO D 42 -34.72 -64.32 4.66
C PRO D 42 -33.43 -65.12 4.43
N VAL D 43 -33.53 -66.24 3.73
CA VAL D 43 -32.35 -67.00 3.36
C VAL D 43 -31.36 -66.18 2.55
N ASP D 44 -31.83 -65.26 1.71
CA ASP D 44 -30.95 -64.52 0.82
C ASP D 44 -30.49 -63.18 1.40
N SER D 45 -30.57 -63.04 2.73
CA SER D 45 -29.96 -61.92 3.46
C SER D 45 -30.39 -60.55 2.93
N PRO D 46 -31.64 -60.13 3.11
CA PRO D 46 -32.04 -58.82 2.62
C PRO D 46 -31.34 -57.71 3.40
N LYS D 47 -30.79 -56.75 2.67
CA LYS D 47 -29.98 -55.69 3.26
C LYS D 47 -30.46 -54.34 2.75
N VAL D 48 -30.32 -53.32 3.60
CA VAL D 48 -30.44 -51.92 3.19
C VAL D 48 -29.16 -51.23 3.67
N TYR D 49 -28.55 -50.44 2.80
CA TYR D 49 -27.34 -49.70 3.14
C TYR D 49 -27.63 -48.21 3.15
N ILE D 50 -27.10 -47.49 4.15
CA ILE D 50 -27.17 -46.03 4.22
C ILE D 50 -25.77 -45.53 3.92
N TRP D 51 -25.58 -44.85 2.77
CA TRP D 51 -24.28 -44.32 2.39
C TRP D 51 -24.19 -42.85 2.80
N LEU D 52 -23.19 -42.53 3.63
CA LEU D 52 -22.95 -41.17 4.13
C LEU D 52 -21.79 -40.51 3.38
N GLY D 53 -22.10 -39.46 2.62
CA GLY D 53 -21.03 -38.63 2.07
C GLY D 53 -20.25 -37.93 3.16
N SER D 54 -18.98 -37.66 2.90
CA SER D 54 -18.13 -37.12 3.95
C SER D 54 -18.58 -35.71 4.36
N LYS D 55 -19.34 -35.02 3.51
CA LYS D 55 -19.75 -33.66 3.84
C LYS D 55 -21.22 -33.53 4.15
N ALA D 56 -21.95 -34.64 4.31
CA ALA D 56 -23.38 -34.59 4.55
C ALA D 56 -23.65 -34.15 5.97
N TYR D 57 -24.62 -33.28 6.15
CA TYR D 57 -24.95 -32.82 7.47
C TYR D 57 -26.02 -33.75 8.09
N ALA D 58 -26.36 -33.51 9.37
CA ALA D 58 -27.25 -34.38 10.16
C ALA D 58 -28.63 -34.58 9.53
N ASP D 59 -29.20 -33.55 8.87
CA ASP D 59 -30.54 -33.77 8.33
C ASP D 59 -30.53 -34.80 7.21
N ASP D 60 -29.60 -34.66 6.23
CA ASP D 60 -29.50 -35.70 5.21
C ASP D 60 -29.23 -37.06 5.85
N ARG D 61 -28.34 -37.13 6.86
CA ARG D 61 -28.04 -38.42 7.49
C ARG D 61 -29.25 -38.99 8.20
N GLY D 62 -29.99 -38.16 8.96
CA GLY D 62 -31.11 -38.69 9.73
C GLY D 62 -32.25 -39.12 8.83
N VAL D 63 -32.51 -38.36 7.76
CA VAL D 63 -33.55 -38.76 6.82
C VAL D 63 -33.22 -40.11 6.20
N GLY D 64 -31.96 -40.32 5.82
CA GLY D 64 -31.59 -41.61 5.24
C GLY D 64 -31.69 -42.76 6.24
N ALA D 65 -31.21 -42.54 7.47
CA ALA D 65 -31.28 -43.58 8.50
C ALA D 65 -32.72 -43.90 8.89
N TRP D 66 -33.59 -42.86 8.97
CA TRP D 66 -34.99 -43.10 9.27
C TRP D 66 -35.68 -43.86 8.12
N ALA D 67 -35.32 -43.51 6.88
CA ALA D 67 -35.87 -44.22 5.74
C ALA D 67 -35.47 -45.70 5.77
N ALA D 68 -34.24 -46.02 6.18
CA ALA D 68 -33.85 -47.42 6.28
C ALA D 68 -34.61 -48.10 7.40
N LYS D 69 -34.74 -47.43 8.56
CA LYS D 69 -35.57 -47.99 9.62
C LYS D 69 -37.00 -48.26 9.13
N MET D 70 -37.56 -47.39 8.29
CA MET D 70 -38.92 -47.60 7.79
C MET D 70 -39.03 -48.84 6.90
N LEU D 71 -37.99 -49.14 6.10
CA LEU D 71 -38.02 -50.35 5.27
C LEU D 71 -37.96 -51.60 6.14
N ASP D 72 -37.13 -51.57 7.18
CA ASP D 72 -37.09 -52.63 8.18
C ASP D 72 -38.42 -52.78 8.88
N LYS D 73 -39.18 -51.70 9.02
CA LYS D 73 -40.46 -51.79 9.70
C LYS D 73 -41.40 -52.73 8.95
N GLU D 74 -41.39 -52.65 7.62
CA GLU D 74 -42.27 -53.53 6.88
C GLU D 74 -41.68 -54.91 6.72
N ASN D 75 -40.36 -55.08 6.88
CA ASN D 75 -39.79 -56.41 6.73
C ASN D 75 -38.59 -56.52 7.66
N GLN D 76 -38.82 -57.08 8.87
CA GLN D 76 -37.78 -57.07 9.89
C GLN D 76 -36.63 -58.01 9.58
N ALA D 77 -36.79 -58.95 8.64
CA ALA D 77 -35.62 -59.74 8.27
C ALA D 77 -34.51 -58.87 7.68
N ILE D 78 -34.84 -57.65 7.24
CA ILE D 78 -33.83 -56.74 6.69
C ILE D 78 -32.72 -56.50 7.71
N ASP D 79 -31.46 -56.52 7.24
CA ASP D 79 -30.29 -56.08 7.98
C ASP D 79 -29.88 -54.70 7.45
N ILE D 80 -29.67 -53.71 8.33
CA ILE D 80 -29.31 -52.34 7.94
C ILE D 80 -27.83 -52.11 8.24
N ASP D 81 -27.08 -51.61 7.26
CA ASP D 81 -25.67 -51.25 7.43
C ASP D 81 -25.46 -49.80 7.04
N THR D 82 -24.55 -49.12 7.73
CA THR D 82 -24.15 -47.78 7.37
C THR D 82 -22.78 -47.83 6.70
N GLU D 83 -22.66 -47.26 5.52
CA GLU D 83 -21.39 -47.15 4.82
C GLU D 83 -21.00 -45.68 4.75
N VAL D 84 -19.73 -45.42 4.90
CA VAL D 84 -19.16 -44.08 4.97
C VAL D 84 -18.32 -43.86 3.73
N GLU D 85 -18.50 -42.71 3.06
CA GLU D 85 -17.73 -42.35 1.86
C GLU D 85 -16.28 -42.72 2.02
N GLY D 86 -15.74 -43.46 1.05
CA GLY D 86 -14.32 -43.80 1.05
C GLY D 86 -13.93 -44.95 1.96
N LYS D 87 -14.85 -45.49 2.74
CA LYS D 87 -14.45 -46.62 3.57
C LYS D 87 -15.48 -47.73 3.48
N GLU D 88 -16.06 -47.86 2.27
CA GLU D 88 -17.17 -48.79 2.09
C GLU D 88 -16.70 -50.24 2.22
N SER D 89 -17.60 -51.11 2.66
CA SER D 89 -17.27 -52.52 2.79
C SER D 89 -17.09 -53.15 1.41
N ALA D 90 -16.36 -54.27 1.39
CA ALA D 90 -16.22 -55.00 0.14
C ALA D 90 -17.57 -55.48 -0.34
N GLU D 91 -18.46 -55.81 0.60
CA GLU D 91 -19.77 -56.29 0.22
C GLU D 91 -20.57 -55.21 -0.52
N PHE D 92 -20.60 -54.00 0.04
CA PHE D 92 -21.33 -52.90 -0.59
C PHE D 92 -20.79 -52.60 -1.97
N LYS D 93 -19.47 -52.64 -2.13
CA LYS D 93 -18.94 -52.32 -3.45
C LYS D 93 -19.18 -53.42 -4.48
N THR D 94 -19.58 -54.64 -4.05
CA THR D 94 -19.99 -55.62 -5.04
C THR D 94 -21.44 -55.38 -5.46
N ILE D 95 -22.19 -54.58 -4.70
CA ILE D 95 -23.64 -54.42 -4.86
C ILE D 95 -24.00 -53.24 -5.76
N VAL D 96 -23.21 -52.16 -5.74
CA VAL D 96 -23.44 -51.00 -6.59
C VAL D 96 -22.12 -50.55 -7.18
N ASP D 97 -22.13 -50.20 -8.45
CA ASP D 97 -20.99 -49.50 -9.03
C ASP D 97 -21.30 -48.01 -9.02
N PHE D 98 -20.39 -47.20 -8.49
CA PHE D 98 -20.68 -45.79 -8.36
C PHE D 98 -19.39 -45.01 -8.34
N SER D 99 -19.47 -43.74 -8.65
CA SER D 99 -18.36 -42.89 -8.32
C SER D 99 -18.86 -41.77 -7.41
N VAL D 100 -17.91 -41.07 -6.82
CA VAL D 100 -18.21 -40.02 -5.85
C VAL D 100 -17.79 -38.73 -6.50
N VAL D 101 -18.68 -37.74 -6.51
CA VAL D 101 -18.41 -36.44 -7.11
C VAL D 101 -18.65 -35.37 -6.06
N GLU D 102 -18.01 -34.23 -6.26
CA GLU D 102 -18.05 -33.11 -5.33
C GLU D 102 -19.38 -32.37 -5.54
N GLY D 103 -20.21 -32.22 -4.49
CA GLY D 103 -21.52 -31.61 -4.68
C GLY D 103 -22.39 -31.79 -3.45
N ASP D 104 -23.41 -30.96 -3.27
CA ASP D 104 -24.14 -30.99 -1.99
C ASP D 104 -25.54 -30.45 -2.20
N THR D 105 -26.54 -31.28 -1.98
CA THR D 105 -27.93 -30.80 -1.89
C THR D 105 -28.18 -30.31 -0.47
N PRO D 106 -28.65 -29.10 -0.27
CA PRO D 106 -28.87 -28.61 1.09
C PRO D 106 -29.97 -29.40 1.79
N GLY D 107 -29.77 -29.67 3.08
CA GLY D 107 -30.79 -30.36 3.84
C GLY D 107 -32.01 -29.49 4.09
N PHE D 108 -33.02 -30.08 4.67
CA PHE D 108 -34.23 -29.31 4.84
C PHE D 108 -34.27 -28.45 6.09
N LEU D 109 -33.34 -28.61 7.04
CA LEU D 109 -33.49 -27.90 8.32
C LEU D 109 -33.36 -26.39 8.12
N LYS D 110 -34.21 -25.66 8.81
CA LYS D 110 -34.19 -24.20 8.74
C LYS D 110 -33.15 -23.63 9.71
N HIS D 111 -32.28 -22.74 9.24
CA HIS D 111 -31.16 -22.26 10.05
C HIS D 111 -31.63 -21.17 11.02
N VAL D 112 -31.42 -21.37 12.34
CA VAL D 112 -31.74 -20.32 13.30
C VAL D 112 -30.50 -19.47 13.52
N GLU D 113 -30.67 -18.17 13.33
CA GLU D 113 -29.58 -17.20 13.45
C GLU D 113 -28.89 -17.33 14.81
N VAL D 114 -27.57 -17.50 14.77
CA VAL D 114 -26.78 -17.67 15.98
C VAL D 114 -26.55 -16.33 16.68
N ASN D 115 -27.11 -15.24 16.11
CA ASN D 115 -27.11 -13.88 16.68
C ASN D 115 -25.75 -13.53 17.26
N PHE D 116 -24.79 -13.23 16.39
CA PHE D 116 -23.39 -13.37 16.72
C PHE D 116 -22.80 -12.08 17.30
N GLN D 117 -22.24 -12.19 18.49
CA GLN D 117 -21.02 -11.43 18.76
C GLN D 117 -20.08 -11.72 17.60
N ASP D 118 -19.78 -10.69 16.81
CA ASP D 118 -18.97 -10.92 15.61
C ASP D 118 -17.58 -11.39 16.04
N VAL D 119 -17.27 -12.66 15.80
CA VAL D 119 -15.99 -13.20 16.25
C VAL D 119 -15.22 -13.78 15.06
N ASP D 120 -15.21 -13.07 13.93
CA ASP D 120 -14.62 -13.61 12.70
C ASP D 120 -13.16 -14.01 12.95
N TYR D 121 -12.81 -15.20 12.45
CA TYR D 121 -11.42 -15.62 12.35
C TYR D 121 -10.91 -15.28 10.94
N GLU D 122 -9.63 -14.93 10.84
CA GLU D 122 -8.98 -14.65 9.57
C GLU D 122 -7.52 -15.07 9.61
N MET D 123 -6.99 -15.33 8.43
CA MET D 123 -5.56 -15.53 8.24
C MET D 123 -5.06 -14.48 7.26
N TYR D 124 -3.98 -13.80 7.60
CA TYR D 124 -3.42 -12.78 6.70
C TYR D 124 -1.99 -13.12 6.31
N ARG D 125 -1.68 -12.89 5.06
CA ARG D 125 -0.30 -12.92 4.59
C ARG D 125 0.32 -11.54 4.77
N VAL D 126 1.52 -11.50 5.34
CA VAL D 126 2.25 -10.26 5.56
C VAL D 126 3.56 -10.36 4.79
N TYR D 127 3.72 -9.53 3.76
CA TYR D 127 4.85 -9.67 2.86
C TYR D 127 5.20 -8.34 2.25
N ASP D 128 6.50 -8.10 2.11
CA ASP D 128 6.99 -6.94 1.36
C ASP D 128 6.99 -7.33 -0.11
N THR D 129 6.42 -6.47 -0.96
CA THR D 129 6.22 -6.85 -2.36
C THR D 129 7.43 -6.60 -3.25
N ASP D 130 8.47 -5.93 -2.76
CA ASP D 130 9.62 -5.62 -3.61
C ASP D 130 10.86 -5.61 -2.73
N LEU D 131 11.61 -6.71 -2.74
CA LEU D 131 12.88 -6.79 -2.01
C LEU D 131 14.10 -6.25 -2.77
N SER D 132 13.96 -5.87 -4.05
CA SER D 132 15.11 -5.32 -4.80
C SER D 132 15.61 -4.01 -4.24
N ASP D 133 14.79 -3.28 -3.51
CA ASP D 133 15.13 -1.96 -3.01
C ASP D 133 15.87 -2.01 -1.70
N GLY D 134 16.22 -3.21 -1.22
CA GLY D 134 17.00 -3.34 -0.01
C GLY D 134 16.24 -3.13 1.28
N SER D 135 14.90 -3.05 1.23
CA SER D 135 14.11 -2.90 2.44
C SER D 135 12.95 -3.88 2.40
N SER D 136 12.72 -4.56 3.52
CA SER D 136 11.56 -5.40 3.67
C SER D 136 10.50 -4.76 4.55
N SER D 137 10.61 -3.44 4.79
CA SER D 137 9.65 -2.73 5.61
C SER D 137 8.83 -1.71 4.85
N ASP D 138 9.22 -1.35 3.63
CA ASP D 138 8.58 -0.23 2.95
C ASP D 138 7.47 -0.66 1.99
N ASP D 139 7.38 -1.93 1.61
CA ASP D 139 6.31 -2.37 0.70
C ASP D 139 5.46 -3.45 1.32
N ILE D 140 5.21 -3.34 2.62
CA ILE D 140 4.43 -4.36 3.32
C ILE D 140 2.99 -4.32 2.85
N GLU D 141 2.47 -5.48 2.46
CA GLU D 141 1.07 -5.68 2.12
C GLU D 141 0.52 -6.75 3.07
N ILE D 142 -0.74 -6.55 3.52
CA ILE D 142 -1.45 -7.49 4.39
C ILE D 142 -2.64 -8.00 3.60
N ASP D 143 -2.60 -9.27 3.19
CA ASP D 143 -3.66 -9.83 2.39
C ASP D 143 -4.36 -10.94 3.16
N PRO D 144 -5.70 -10.90 3.28
CA PRO D 144 -6.41 -12.08 3.79
C PRO D 144 -6.24 -13.28 2.86
N VAL D 145 -6.02 -14.44 3.47
CA VAL D 145 -5.78 -15.72 2.78
C VAL D 145 -6.67 -16.78 3.42
N PRO D 146 -6.89 -17.92 2.76
CA PRO D 146 -7.75 -18.96 3.37
C PRO D 146 -7.15 -19.51 4.66
N LEU D 147 -8.00 -19.74 5.67
CA LEU D 147 -7.58 -20.27 6.97
C LEU D 147 -7.17 -21.73 6.82
N SER D 148 -5.88 -21.99 6.63
CA SER D 148 -5.48 -23.34 6.28
C SER D 148 -3.96 -23.47 6.33
N LYS D 149 -3.49 -24.70 6.57
CA LYS D 149 -2.07 -25.00 6.49
C LYS D 149 -1.53 -24.79 5.07
N ASN D 150 -2.41 -24.94 4.08
CA ASN D 150 -2.01 -24.81 2.68
C ASN D 150 -1.57 -23.38 2.36
N SER D 151 -2.06 -22.38 3.11
CA SER D 151 -1.69 -20.99 2.85
C SER D 151 -0.34 -20.60 3.49
N LEU D 152 0.16 -21.35 4.47
CA LEU D 152 1.43 -21.02 5.09
C LEU D 152 2.57 -21.19 4.09
N LYS D 153 3.41 -20.17 3.96
CA LYS D 153 4.49 -20.19 2.99
C LYS D 153 5.79 -19.73 3.64
N SER D 154 6.88 -20.42 3.33
CA SER D 154 8.17 -20.19 4.00
C SER D 154 8.69 -18.76 3.82
N GLU D 155 8.39 -18.12 2.69
CA GLU D 155 9.03 -16.83 2.41
C GLU D 155 8.37 -15.64 3.10
N ASP D 156 7.20 -15.80 3.73
CA ASP D 156 6.49 -14.64 4.29
C ASP D 156 6.09 -14.91 5.75
N VAL D 157 5.39 -13.94 6.36
CA VAL D 157 4.85 -14.05 7.72
C VAL D 157 3.32 -14.12 7.61
N PHE D 158 2.69 -14.92 8.48
CA PHE D 158 1.24 -15.08 8.47
C PHE D 158 0.67 -14.84 9.86
N VAL D 159 -0.41 -14.09 9.94
CA VAL D 159 -1.10 -13.82 11.18
C VAL D 159 -2.41 -14.59 11.19
N ILE D 160 -2.58 -15.47 12.15
CA ILE D 160 -3.79 -16.26 12.28
C ILE D 160 -4.59 -15.64 13.40
N ASP D 161 -5.73 -15.05 13.04
CA ASP D 161 -6.61 -14.37 13.99
C ASP D 161 -7.72 -15.33 14.40
N GLY D 162 -7.63 -15.85 15.62
CA GLY D 162 -8.66 -16.67 16.24
C GLY D 162 -9.40 -15.93 17.35
N TRP D 163 -9.55 -14.60 17.19
CA TRP D 163 -10.24 -13.70 18.11
C TRP D 163 -9.46 -13.49 19.42
N ASN D 164 -9.66 -14.37 20.42
CA ASN D 164 -8.93 -14.23 21.69
C ASN D 164 -7.55 -14.89 21.68
N ASP D 165 -7.29 -15.75 20.68
CA ASP D 165 -5.96 -16.28 20.39
C ASP D 165 -5.49 -15.81 19.02
N ILE D 166 -4.31 -15.17 18.97
CA ILE D 166 -3.72 -14.63 17.75
C ILE D 166 -2.29 -15.17 17.62
N TYR D 167 -1.99 -15.82 16.49
CA TYR D 167 -0.68 -16.43 16.23
C TYR D 167 0.06 -15.69 15.12
N VAL D 168 1.35 -15.39 15.34
CA VAL D 168 2.21 -14.84 14.31
C VAL D 168 3.19 -15.93 13.90
N TRP D 169 3.03 -16.43 12.69
CA TRP D 169 3.82 -17.53 12.17
C TRP D 169 4.90 -17.00 11.24
N ILE D 170 6.16 -17.27 11.59
CA ILE D 170 7.28 -16.68 10.89
C ILE D 170 7.84 -17.70 9.89
N GLY D 171 7.70 -17.41 8.59
CA GLY D 171 8.32 -18.29 7.61
C GLY D 171 9.83 -18.31 7.78
N SER D 172 10.43 -19.49 7.57
CA SER D 172 11.86 -19.67 7.78
C SER D 172 12.70 -18.91 6.75
N LYS D 173 12.13 -18.54 5.60
CA LYS D 173 12.84 -17.73 4.63
C LYS D 173 12.23 -16.33 4.47
N SER D 174 11.58 -15.83 5.53
CA SER D 174 10.95 -14.52 5.50
C SER D 174 11.92 -13.43 5.95
N GLN D 175 11.50 -12.17 5.79
CA GLN D 175 12.36 -11.02 6.04
C GLN D 175 12.00 -10.28 7.34
N VAL D 176 12.97 -9.48 7.82
CA VAL D 176 12.87 -8.85 9.13
C VAL D 176 11.70 -7.88 9.21
N GLY D 177 11.43 -7.14 8.12
CA GLY D 177 10.30 -6.21 8.13
C GLY D 177 8.95 -6.91 8.16
N GLU D 178 8.85 -8.12 7.60
CA GLU D 178 7.57 -8.83 7.62
C GLU D 178 7.23 -9.34 9.03
N LYS D 179 8.26 -9.78 9.78
CA LYS D 179 8.08 -10.14 11.18
C LYS D 179 7.66 -8.92 12.01
N ALA D 180 8.29 -7.77 11.76
CA ALA D 180 7.89 -6.53 12.44
C ALA D 180 6.43 -6.17 12.14
N ALA D 181 6.03 -6.26 10.88
CA ALA D 181 4.66 -5.89 10.54
C ALA D 181 3.67 -6.90 11.13
N GLY D 182 3.99 -8.19 11.04
CA GLY D 182 3.14 -9.20 11.64
C GLY D 182 2.90 -8.94 13.12
N ASN D 183 3.96 -8.62 13.86
CA ASN D 183 3.78 -8.37 15.28
C ASN D 183 2.92 -7.14 15.53
N ARG D 184 3.11 -6.09 14.71
CA ARG D 184 2.34 -4.88 14.91
C ARG D 184 0.86 -5.14 14.67
N LEU D 185 0.53 -5.90 13.62
CA LEU D 185 -0.85 -6.25 13.34
C LEU D 185 -1.47 -7.03 14.50
N ALA D 186 -0.75 -8.04 15.01
CA ALA D 186 -1.27 -8.81 16.14
C ALA D 186 -1.47 -7.92 17.36
N ARG D 187 -0.53 -7.02 17.62
CA ARG D 187 -0.69 -6.12 18.76
C ARG D 187 -1.90 -5.20 18.56
N LYS D 188 -2.11 -4.72 17.32
CA LYS D 188 -3.24 -3.83 17.05
C LYS D 188 -4.59 -4.50 17.28
N LEU D 189 -4.74 -5.74 16.83
CA LEU D 189 -5.98 -6.45 17.09
C LEU D 189 -6.16 -6.69 18.59
N ASP D 190 -5.05 -6.97 19.29
CA ASP D 190 -5.10 -7.12 20.74
C ASP D 190 -5.58 -5.83 21.42
N THR D 191 -5.01 -4.68 21.00
CA THR D 191 -5.41 -3.39 21.57
C THR D 191 -6.86 -3.05 21.22
N GLU D 192 -7.28 -3.31 19.97
CA GLU D 192 -8.66 -3.02 19.58
C GLU D 192 -9.64 -3.77 20.45
N ARG D 193 -9.28 -4.98 20.86
CA ARG D 193 -10.10 -5.87 21.69
C ARG D 193 -9.78 -5.76 23.18
N LYS D 194 -9.31 -4.58 23.62
CA LYS D 194 -9.16 -4.21 25.03
C LYS D 194 -8.12 -5.07 25.77
N ARG D 195 -7.11 -5.54 25.05
CA ARG D 195 -5.95 -6.27 25.55
C ARG D 195 -6.28 -7.69 26.06
N THR D 196 -7.56 -8.15 25.97
CA THR D 196 -7.90 -9.51 26.40
C THR D 196 -7.26 -10.65 25.60
N PRO D 197 -6.99 -10.52 24.29
CA PRO D 197 -6.44 -11.68 23.54
C PRO D 197 -5.02 -12.07 23.95
N MET D 198 -4.74 -13.36 23.78
CA MET D 198 -3.40 -13.90 23.90
C MET D 198 -2.72 -13.89 22.54
N VAL D 199 -1.46 -13.44 22.49
CA VAL D 199 -0.73 -13.36 21.24
C VAL D 199 0.50 -14.27 21.33
N TYR D 200 0.69 -15.13 20.32
CA TYR D 200 1.85 -16.01 20.26
C TYR D 200 2.63 -15.78 18.98
N THR D 201 3.96 -15.83 19.08
CA THR D 201 4.83 -15.82 17.92
C THR D 201 5.42 -17.21 17.76
N VAL D 202 5.20 -17.84 16.61
CA VAL D 202 5.70 -19.18 16.35
C VAL D 202 6.56 -19.15 15.09
N ASN D 203 7.59 -20.00 15.08
CA ASN D 203 8.48 -20.12 13.94
C ASN D 203 8.16 -21.36 13.13
N GLU D 204 8.41 -21.28 11.82
CA GLU D 204 8.11 -22.40 10.93
C GLU D 204 8.95 -23.62 11.30
N GLY D 205 8.31 -24.80 11.37
CA GLY D 205 8.97 -26.04 11.76
C GLY D 205 9.10 -26.25 13.25
N LEU D 206 8.88 -25.20 14.05
CA LEU D 206 8.90 -25.25 15.51
C LEU D 206 7.54 -24.93 16.10
N GLU D 207 6.47 -25.25 15.38
CA GLU D 207 5.15 -24.91 15.87
C GLU D 207 4.84 -25.74 17.12
N PRO D 208 4.21 -25.14 18.12
CA PRO D 208 3.86 -25.91 19.32
C PRO D 208 2.82 -26.99 19.03
N ASN D 209 2.79 -27.98 19.91
CA ASN D 209 1.84 -29.07 19.72
C ASN D 209 0.41 -28.55 19.81
N GLY D 210 -0.44 -29.04 18.90
CA GLY D 210 -1.81 -28.59 18.78
C GLY D 210 -2.00 -27.56 17.69
N PHE D 211 -0.92 -27.05 17.10
CA PHE D 211 -0.99 -25.84 16.28
C PHE D 211 -1.79 -26.09 15.00
N PHE D 212 -1.39 -27.11 14.23
CA PHE D 212 -2.05 -27.36 12.95
C PHE D 212 -3.46 -27.89 13.14
N GLU D 213 -3.70 -28.58 14.25
CA GLU D 213 -5.06 -28.97 14.62
C GLU D 213 -5.91 -27.75 14.98
N PHE D 214 -5.30 -26.77 15.69
CA PHE D 214 -6.02 -25.56 16.05
C PHE D 214 -6.40 -24.72 14.83
N LEU D 215 -5.53 -24.68 13.82
CA LEU D 215 -5.89 -23.97 12.59
C LEU D 215 -7.02 -24.70 11.86
N GLU D 216 -7.08 -26.03 11.96
CA GLU D 216 -8.19 -26.78 11.39
C GLU D 216 -9.51 -26.39 12.04
N LYS D 217 -9.51 -26.22 13.36
CA LYS D 217 -10.77 -25.89 14.04
C LYS D 217 -11.25 -24.49 13.66
N LEU D 218 -10.33 -23.50 13.55
CA LEU D 218 -10.71 -22.15 13.17
C LEU D 218 -11.37 -22.12 11.78
N GLU D 219 -10.89 -22.96 10.86
CA GLU D 219 -11.53 -23.02 9.54
C GLU D 219 -12.95 -23.61 9.66
N GLN D 220 -13.08 -24.74 10.36
CA GLN D 220 -14.38 -25.37 10.53
C GLN D 220 -15.37 -24.42 11.19
N GLU D 221 -14.90 -23.69 12.19
CA GLU D 221 -15.71 -23.02 13.21
C GLU D 221 -16.01 -21.57 12.90
N ASP D 222 -15.38 -20.98 11.90
CA ASP D 222 -15.33 -19.51 11.80
C ASP D 222 -16.71 -18.95 11.50
N PRO D 223 -17.25 -18.07 12.35
CA PRO D 223 -18.69 -17.68 12.26
C PRO D 223 -19.02 -16.82 11.05
N LYS D 224 -18.03 -16.41 10.27
CA LYS D 224 -18.26 -15.52 9.15
C LYS D 224 -17.29 -15.93 8.04
N LYS D 225 -17.60 -17.06 7.38
CA LYS D 225 -16.72 -17.61 6.34
C LYS D 225 -17.02 -17.01 4.96
PG ATP E . 18.51 44.74 -22.61
O1G ATP E . 18.94 46.18 -22.29
O2G ATP E . 17.60 44.63 -23.87
O3G ATP E . 19.69 43.76 -22.67
PB ATP E . 17.77 43.62 -19.94
O1B ATP E . 16.87 44.41 -19.01
O2B ATP E . 19.24 43.47 -19.60
O3B ATP E . 17.51 44.27 -21.43
PA ATP E . 17.27 40.78 -19.63
O1A ATP E . 18.37 39.92 -20.22
O2A ATP E . 17.38 41.04 -18.15
O3A ATP E . 17.12 42.19 -20.33
O5' ATP E . 15.86 40.06 -19.92
C5' ATP E . 14.64 40.63 -19.48
C4' ATP E . 13.64 40.18 -20.54
O4' ATP E . 13.73 38.75 -20.69
C3' ATP E . 12.19 40.51 -20.21
O3' ATP E . 11.54 40.89 -21.44
C2' ATP E . 11.65 39.17 -19.76
O2' ATP E . 10.24 39.07 -19.99
C1' ATP E . 12.42 38.22 -20.67
N9 ATP E . 12.44 36.86 -20.05
C8 ATP E . 12.88 36.56 -18.81
N7 ATP E . 12.74 35.23 -18.56
C5 ATP E . 12.21 34.70 -19.68
C6 ATP E . 11.79 33.35 -20.10
N6 ATP E . 11.94 32.26 -19.30
N1 ATP E . 11.26 33.27 -21.33
C2 ATP E . 11.11 34.30 -22.19
N3 ATP E . 11.45 35.55 -21.87
C4 ATP E . 12.01 35.78 -20.65
CA CA F . 21.20 43.19 -20.76
CA CA G . 33.72 22.01 -10.32
CA CA H . -3.41 26.14 -10.58
CA CA I . 47.16 36.23 -28.61
CA CA J . 15.05 19.09 -15.12
CA CA K . 5.41 4.51 8.10
CA CA L . 7.88 5.53 11.26
CA CA M . 4.54 2.81 -1.35
CA CA N . 42.44 29.57 -31.59
PG ATP O . -27.38 -34.63 31.25
O1G ATP O . -28.66 -35.00 31.94
O2G ATP O . -26.18 -34.98 32.09
O3G ATP O . -27.22 -35.18 29.80
PB ATP O . -27.60 -32.03 29.91
O1B ATP O . -28.10 -30.79 30.61
O2B ATP O . -28.44 -32.79 28.88
O3B ATP O . -27.28 -33.02 31.16
PA ATP O . -25.68 -31.19 27.91
O1A ATP O . -25.44 -32.35 26.96
O2A ATP O . -26.61 -30.05 27.47
O3A ATP O . -26.11 -31.66 29.36
O5' ATP O . -24.31 -30.45 28.17
C5' ATP O . -24.21 -29.62 29.33
C4' ATP O . -22.79 -29.72 29.87
O4' ATP O . -21.87 -29.66 28.78
C3' ATP O . -22.44 -28.62 30.86
O3' ATP O . -21.85 -29.25 32.01
C2' ATP O . -21.43 -27.81 30.08
O2' ATP O . -20.45 -27.18 30.92
C1' ATP O . -20.79 -28.86 29.19
N9 ATP O . -20.18 -28.25 28.03
C8 ATP O . -20.79 -27.46 27.11
N7 ATP O . -19.93 -27.06 26.14
C5 ATP O . -18.74 -27.58 26.47
C6 ATP O . -17.40 -27.55 25.87
N6 ATP O . -17.17 -26.85 24.74
N1 ATP O . -16.42 -28.23 26.51
C2 ATP O . -16.63 -28.93 27.63
N3 ATP O . -17.82 -29.02 28.23
C4 ATP O . -18.89 -28.36 27.69
CA CA P . -28.78 -34.87 27.98
C1 GOL Q . -2.56 -26.98 23.96
O1 GOL Q . -2.09 -25.67 23.57
C2 GOL Q . -3.57 -27.61 22.91
O2 GOL Q . -3.63 -28.98 23.00
C3 GOL Q . -4.98 -26.87 23.10
O3 GOL Q . -6.10 -27.68 22.60
C1 GOL R . -4.88 -22.09 20.95
O1 GOL R . -4.15 -21.05 21.51
C2 GOL R . -4.61 -23.31 21.82
O2 GOL R . -5.81 -23.88 22.22
C3 GOL R . -3.68 -24.21 20.97
O3 GOL R . -4.39 -25.31 20.48
CA CA S . -26.42 -32.58 1.44
CA CA T . -3.12 -8.95 25.69
CA CA U . -34.00 -56.21 11.01
CA CA V . -13.42 -15.61 8.21
CA CA W . 10.75 -3.19 -0.25
CA CA X . 9.85 0.07 -2.21
CA CA Y . 8.86 -12.44 1.93
CA CA Z . -25.26 -55.56 9.92
#